data_4U5Q
#
_entry.id   4U5Q
#
_cell.length_a   78.532
_cell.length_b   88.593
_cell.length_c   126.077
_cell.angle_alpha   90.00
_cell.angle_beta   90.00
_cell.angle_gamma   90.00
#
_symmetry.space_group_name_H-M   'P 21 21 21'
#
loop_
_entity.id
_entity.type
_entity.pdbx_description
1 polymer 'Peptide synthetase'
2 non-polymer 3,6,9,12,15,18,21,24,27-NONAOXANONACOSANE-1,29-DIOL
3 water water
#
_entity_poly.entity_id   1
_entity_poly.type   'polypeptide(L)'
_entity_poly.pdbx_seq_one_letter_code
;MGSSHHHHHHSSGLVPRGSHMGRDARPTSDPRLVSVHGDNPTEVHASDLTLDRFIDADTLATAVNLPGPSPELRTVLLTG
ATGFLGRYLVLELLRRLDVDGRLICLVRAESDEDARRRLEKTFDSGDPELLRHFKELAADRLEVVAGDKSEPDLGLDQPM
WRRLAETVDLIVDSAAMVNAFPYHELFGPNVAGTAELIRIALTTKLKPFTYVSTADVGAAIEPSAFTEDADIRVISPTRT
VDGGWAGGYGTSKWAGEVLLREANDLCALPVAVFRCGMILADTSYAGQLNMSDWVTRMVLSLMATGIAPRSFYEPDSEGN
RQRAHFDGLPVTFVAEAIAVLGARVAGSSLAGFATYHVMNPHDDGIGLDEYVDWLIEAGYPIRRIDDFAEWLQRFEASLG
ALPDRQRRHSVLPMLLASNSQRLQPLKPTRGCSAPTDRFRAAVRAAKVGSDKDNPDIPHVSAPTIINYVTNLQLLGLL
;
_entity_poly.pdbx_strand_id   A,B
#
loop_
_chem_comp.id
_chem_comp.type
_chem_comp.name
_chem_comp.formula
XPE non-polymer 3,6,9,12,15,18,21,24,27-NONAOXANONACOSANE-1,29-DIOL 'C20 H42 O11'
#
# COMPACT_ATOMS: atom_id res chain seq x y z
N PRO A 41 -10.92 -37.36 -25.43
CA PRO A 41 -9.68 -36.85 -26.04
C PRO A 41 -9.74 -36.89 -27.58
N THR A 42 -9.90 -35.73 -28.21
CA THR A 42 -10.08 -35.68 -29.66
C THR A 42 -9.41 -34.43 -30.21
N GLU A 43 -9.12 -34.46 -31.50
CA GLU A 43 -8.38 -33.42 -32.18
C GLU A 43 -9.33 -32.57 -33.03
N VAL A 44 -9.16 -31.26 -32.99
CA VAL A 44 -9.96 -30.35 -33.78
C VAL A 44 -9.03 -29.48 -34.61
N HIS A 45 -9.37 -29.33 -35.89
CA HIS A 45 -8.66 -28.43 -36.79
C HIS A 45 -9.42 -27.12 -36.90
N ALA A 46 -8.67 -26.02 -36.92
CA ALA A 46 -9.29 -24.72 -37.19
C ALA A 46 -10.09 -24.76 -38.48
N SER A 47 -9.55 -25.45 -39.49
CA SER A 47 -10.19 -25.53 -40.81
C SER A 47 -11.57 -26.15 -40.77
N ASP A 48 -11.90 -26.91 -39.73
CA ASP A 48 -13.24 -27.47 -39.63
C ASP A 48 -14.21 -26.55 -38.88
N LEU A 49 -13.72 -25.44 -38.34
CA LEU A 49 -14.57 -24.49 -37.64
C LEU A 49 -14.98 -23.40 -38.62
N THR A 50 -15.77 -23.82 -39.60
CA THR A 50 -16.29 -22.93 -40.61
C THR A 50 -17.71 -22.54 -40.26
N LEU A 51 -18.10 -21.34 -40.69
CA LEU A 51 -19.41 -20.80 -40.28
C LEU A 51 -20.57 -21.62 -40.85
N ASP A 52 -20.38 -22.24 -42.02
CA ASP A 52 -21.46 -22.99 -42.64
C ASP A 52 -21.89 -24.17 -41.78
N ARG A 53 -21.09 -24.55 -40.78
CA ARG A 53 -21.48 -25.66 -39.92
C ARG A 53 -22.40 -25.22 -38.78
N PHE A 54 -22.61 -23.91 -38.61
CA PHE A 54 -23.48 -23.37 -37.58
C PHE A 54 -24.53 -22.40 -38.10
N ILE A 55 -24.36 -21.83 -39.29
CA ILE A 55 -25.20 -20.75 -39.76
C ILE A 55 -25.68 -21.08 -41.16
N ASP A 56 -26.94 -20.75 -41.45
CA ASP A 56 -27.56 -21.10 -42.72
C ASP A 56 -26.92 -20.32 -43.88
N ALA A 57 -27.05 -20.89 -45.08
CA ALA A 57 -26.37 -20.34 -46.24
C ALA A 57 -26.89 -18.95 -46.60
N ASP A 58 -28.20 -18.71 -46.42
CA ASP A 58 -28.77 -17.41 -46.77
C ASP A 58 -28.16 -16.30 -45.93
N THR A 59 -28.10 -16.50 -44.61
CA THR A 59 -27.52 -15.50 -43.72
C THR A 59 -26.08 -15.19 -44.12
N LEU A 60 -25.29 -16.24 -44.36
CA LEU A 60 -23.88 -16.04 -44.72
C LEU A 60 -23.75 -15.33 -46.06
N ALA A 61 -24.57 -15.71 -47.05
CA ALA A 61 -24.51 -15.04 -48.34
C ALA A 61 -24.92 -13.58 -48.24
N THR A 62 -25.95 -13.28 -47.45
CA THR A 62 -26.40 -11.89 -47.32
C THR A 62 -25.37 -11.04 -46.60
N ALA A 63 -24.64 -11.62 -45.64
CA ALA A 63 -23.69 -10.84 -44.86
C ALA A 63 -22.59 -10.26 -45.72
N VAL A 64 -22.17 -11.00 -46.76
CA VAL A 64 -21.10 -10.55 -47.64
C VAL A 64 -21.34 -9.14 -48.14
N ASN A 65 -22.60 -8.80 -48.42
CA ASN A 65 -22.92 -7.52 -49.04
C ASN A 65 -23.37 -6.44 -48.04
N LEU A 66 -23.46 -6.75 -46.75
CA LEU A 66 -23.87 -5.75 -45.79
C LEU A 66 -22.79 -4.67 -45.64
N PRO A 67 -23.19 -3.43 -45.40
CA PRO A 67 -22.22 -2.35 -45.23
C PRO A 67 -21.57 -2.40 -43.85
N GLY A 68 -20.48 -1.64 -43.71
CA GLY A 68 -19.82 -1.53 -42.43
C GLY A 68 -20.77 -0.99 -41.38
N PRO A 69 -20.54 -1.34 -40.11
CA PRO A 69 -21.45 -0.92 -39.05
C PRO A 69 -21.33 0.56 -38.72
N SER A 70 -22.42 1.11 -38.18
CA SER A 70 -22.41 2.47 -37.64
C SER A 70 -21.48 2.56 -36.44
N PRO A 71 -20.68 3.64 -36.34
CA PRO A 71 -19.78 3.79 -35.18
C PRO A 71 -20.50 4.22 -33.94
N GLU A 72 -21.80 4.48 -34.02
CA GLU A 72 -22.52 5.00 -32.87
C GLU A 72 -23.13 3.84 -32.09
N LEU A 73 -22.69 3.66 -30.87
CA LEU A 73 -23.03 2.48 -30.09
C LEU A 73 -24.05 2.88 -29.03
N ARG A 74 -25.34 2.70 -29.34
CA ARG A 74 -26.39 2.99 -28.38
C ARG A 74 -27.00 1.76 -27.75
N THR A 75 -26.96 0.60 -28.40
CA THR A 75 -27.50 -0.62 -27.84
C THR A 75 -26.39 -1.67 -27.83
N VAL A 76 -26.10 -2.21 -26.66
CA VAL A 76 -24.98 -3.13 -26.45
C VAL A 76 -25.52 -4.43 -25.90
N LEU A 77 -25.14 -5.55 -26.52
CA LEU A 77 -25.48 -6.87 -26.02
C LEU A 77 -24.25 -7.46 -25.31
N LEU A 78 -24.42 -7.85 -24.05
CA LEU A 78 -23.32 -8.33 -23.23
C LEU A 78 -23.65 -9.73 -22.73
N THR A 79 -22.75 -10.68 -22.96
CA THR A 79 -22.83 -11.97 -22.31
C THR A 79 -21.78 -12.08 -21.21
N GLY A 80 -22.05 -12.93 -20.22
CA GLY A 80 -21.14 -13.08 -19.12
C GLY A 80 -21.23 -12.01 -18.06
N ALA A 81 -22.33 -11.24 -18.01
CA ALA A 81 -22.44 -10.15 -17.04
C ALA A 81 -22.39 -10.64 -15.60
N THR A 82 -22.79 -11.88 -15.32
CA THR A 82 -22.68 -12.36 -13.94
C THR A 82 -21.27 -12.80 -13.58
N GLY A 83 -20.39 -13.01 -14.56
CA GLY A 83 -19.01 -13.36 -14.28
C GLY A 83 -18.24 -12.18 -13.70
N PHE A 84 -17.00 -12.46 -13.30
CA PHE A 84 -16.23 -11.47 -12.55
C PHE A 84 -15.89 -10.26 -13.42
N LEU A 85 -15.25 -10.49 -14.57
CA LEU A 85 -14.97 -9.36 -15.47
C LEU A 85 -16.26 -8.77 -16.03
N GLY A 86 -17.25 -9.62 -16.29
CA GLY A 86 -18.52 -9.14 -16.86
C GLY A 86 -19.16 -8.08 -16.00
N ARG A 87 -19.16 -8.26 -14.67
CA ARG A 87 -19.72 -7.30 -13.73
C ARG A 87 -19.09 -5.93 -13.90
N TYR A 88 -17.77 -5.89 -14.02
CA TYR A 88 -17.09 -4.62 -14.22
C TYR A 88 -17.35 -4.06 -15.61
N LEU A 89 -17.53 -4.93 -16.60
CA LEU A 89 -17.93 -4.46 -17.92
C LEU A 89 -19.36 -3.91 -17.91
N VAL A 90 -20.25 -4.48 -17.09
CA VAL A 90 -21.58 -3.86 -16.92
C VAL A 90 -21.42 -2.40 -16.51
N LEU A 91 -20.61 -2.15 -15.49
CA LEU A 91 -20.44 -0.80 -14.98
C LEU A 91 -19.81 0.10 -16.01
N GLU A 92 -18.73 -0.39 -16.65
CA GLU A 92 -18.00 0.46 -17.58
C GLU A 92 -18.84 0.78 -18.82
N LEU A 93 -19.58 -0.21 -19.32
CA LEU A 93 -20.38 0.05 -20.51
C LEU A 93 -21.54 0.98 -20.21
N LEU A 94 -22.16 0.83 -19.03
CA LEU A 94 -23.24 1.76 -18.65
C LEU A 94 -22.71 3.18 -18.49
N ARG A 95 -21.50 3.33 -17.94
CA ARG A 95 -20.93 4.67 -17.80
C ARG A 95 -20.66 5.30 -19.16
N ARG A 96 -20.30 4.46 -20.14
CA ARG A 96 -20.00 4.97 -21.47
C ARG A 96 -21.25 5.22 -22.30
N LEU A 97 -22.37 4.56 -21.98
CA LEU A 97 -23.59 4.81 -22.73
C LEU A 97 -24.19 6.16 -22.32
N ASP A 98 -24.96 6.74 -23.24
CA ASP A 98 -25.68 7.98 -23.00
C ASP A 98 -26.99 7.68 -22.25
N VAL A 99 -27.73 8.76 -21.92
CA VAL A 99 -29.01 8.58 -21.23
C VAL A 99 -29.98 7.75 -22.07
N ASP A 100 -29.82 7.74 -23.38
CA ASP A 100 -30.68 6.94 -24.23
C ASP A 100 -30.08 5.60 -24.59
N GLY A 101 -28.91 5.27 -24.06
CA GLY A 101 -28.31 3.98 -24.33
C GLY A 101 -29.03 2.84 -23.62
N ARG A 102 -28.77 1.63 -24.12
CA ARG A 102 -29.35 0.42 -23.56
C ARG A 102 -28.30 -0.67 -23.49
N LEU A 103 -28.18 -1.31 -22.33
CA LEU A 103 -27.33 -2.48 -22.18
C LEU A 103 -28.23 -3.69 -21.95
N ILE A 104 -28.16 -4.65 -22.85
CA ILE A 104 -28.94 -5.88 -22.77
C ILE A 104 -28.00 -6.99 -22.31
N CYS A 105 -28.32 -7.63 -21.19
CA CYS A 105 -27.48 -8.70 -20.66
C CYS A 105 -28.21 -10.03 -20.75
N LEU A 106 -27.54 -11.02 -21.31
CA LEU A 106 -28.08 -12.37 -21.39
C LEU A 106 -27.53 -13.16 -20.20
N VAL A 107 -28.44 -13.77 -19.43
CA VAL A 107 -28.11 -14.47 -18.20
C VAL A 107 -28.87 -15.78 -18.17
N ARG A 108 -28.18 -16.86 -17.82
CA ARG A 108 -28.86 -18.15 -17.64
C ARG A 108 -29.80 -18.08 -16.44
N ALA A 109 -31.09 -18.36 -16.66
CA ALA A 109 -32.06 -18.19 -15.59
C ALA A 109 -33.39 -18.82 -16.00
N GLU A 110 -34.30 -18.91 -15.02
CA GLU A 110 -35.62 -19.48 -15.21
C GLU A 110 -36.57 -18.51 -15.91
N SER A 111 -36.26 -17.22 -15.90
CA SER A 111 -37.15 -16.18 -16.41
C SER A 111 -36.35 -14.89 -16.47
N ASP A 112 -36.91 -13.90 -17.18
CA ASP A 112 -36.24 -12.62 -17.30
C ASP A 112 -36.07 -11.96 -15.93
N GLU A 113 -37.06 -12.09 -15.05
CA GLU A 113 -36.91 -11.47 -13.73
C GLU A 113 -35.93 -12.24 -12.85
N ASP A 114 -35.93 -13.58 -12.96
CA ASP A 114 -34.91 -14.38 -12.30
C ASP A 114 -33.52 -13.96 -12.77
N ALA A 115 -33.38 -13.71 -14.06
CA ALA A 115 -32.09 -13.25 -14.60
C ALA A 115 -31.70 -11.89 -14.05
N ARG A 116 -32.66 -10.96 -13.99
CA ARG A 116 -32.37 -9.64 -13.43
C ARG A 116 -31.94 -9.75 -11.97
N ARG A 117 -32.62 -10.59 -11.18
CA ARG A 117 -32.23 -10.74 -9.77
C ARG A 117 -30.86 -11.38 -9.62
N ARG A 118 -30.56 -12.38 -10.45
CA ARG A 118 -29.26 -13.03 -10.38
C ARG A 118 -28.15 -12.03 -10.64
N LEU A 119 -28.32 -11.19 -11.66
CA LEU A 119 -27.29 -10.20 -11.98
C LEU A 119 -27.19 -9.14 -10.89
N GLU A 120 -28.33 -8.60 -10.46
CA GLU A 120 -28.31 -7.61 -9.38
C GLU A 120 -27.66 -8.18 -8.13
N LYS A 121 -27.92 -9.46 -7.84
CA LYS A 121 -27.35 -10.09 -6.65
C LYS A 121 -25.82 -10.07 -6.66
N THR A 122 -25.22 -10.21 -7.84
CA THR A 122 -23.77 -10.25 -7.89
C THR A 122 -23.13 -8.92 -7.49
N PHE A 123 -23.89 -7.82 -7.52
CA PHE A 123 -23.38 -6.52 -7.08
C PHE A 123 -23.66 -6.24 -5.62
N ASP A 124 -24.30 -7.18 -4.93
CA ASP A 124 -24.61 -7.06 -3.51
C ASP A 124 -23.58 -7.87 -2.73
N SER A 125 -22.37 -7.32 -2.66
CA SER A 125 -21.21 -8.01 -2.12
C SER A 125 -20.72 -7.41 -0.81
N GLY A 126 -21.55 -6.64 -0.12
CA GLY A 126 -21.10 -5.99 1.09
C GLY A 126 -20.57 -4.58 0.91
N ASP A 127 -20.64 -4.03 -0.30
CA ASP A 127 -20.19 -2.66 -0.53
C ASP A 127 -21.41 -1.80 -0.86
N PRO A 128 -21.90 -0.97 0.07
CA PRO A 128 -23.09 -0.16 -0.23
C PRO A 128 -22.90 0.76 -1.42
N GLU A 129 -21.70 1.31 -1.61
CA GLU A 129 -21.48 2.22 -2.72
C GLU A 129 -21.59 1.51 -4.07
N LEU A 130 -21.10 0.27 -4.16
CA LEU A 130 -21.23 -0.49 -5.41
C LEU A 130 -22.68 -0.70 -5.78
N LEU A 131 -23.50 -1.13 -4.82
CA LEU A 131 -24.92 -1.28 -5.08
C LEU A 131 -25.54 0.03 -5.51
N ARG A 132 -25.22 1.11 -4.81
CA ARG A 132 -25.72 2.43 -5.16
C ARG A 132 -25.30 2.82 -6.59
N HIS A 133 -24.03 2.63 -6.90
CA HIS A 133 -23.52 2.96 -8.23
C HIS A 133 -24.20 2.10 -9.29
N PHE A 134 -24.33 0.79 -9.03
CA PHE A 134 -24.95 -0.09 -10.00
C PHE A 134 -26.39 0.33 -10.28
N LYS A 135 -27.16 0.58 -9.23
CA LYS A 135 -28.57 0.93 -9.40
C LYS A 135 -28.72 2.20 -10.23
N GLU A 136 -27.88 3.20 -9.97
CA GLU A 136 -28.00 4.45 -10.70
C GLU A 136 -27.59 4.28 -12.16
N LEU A 137 -26.55 3.48 -12.41
CA LEU A 137 -26.16 3.23 -13.79
C LEU A 137 -27.22 2.44 -14.54
N ALA A 138 -27.85 1.48 -13.86
CA ALA A 138 -28.74 0.56 -14.54
C ALA A 138 -30.12 1.15 -14.78
N ALA A 139 -30.53 2.13 -13.98
CA ALA A 139 -31.92 2.60 -14.00
C ALA A 139 -32.32 3.02 -15.40
N ASP A 140 -33.38 2.40 -15.92
CA ASP A 140 -34.00 2.72 -17.21
C ASP A 140 -33.12 2.39 -18.40
N ARG A 141 -31.97 1.75 -18.19
CA ARG A 141 -31.09 1.44 -19.32
C ARG A 141 -30.59 0.00 -19.34
N LEU A 142 -30.69 -0.73 -18.23
CA LEU A 142 -30.28 -2.12 -18.19
C LEU A 142 -31.48 -3.04 -18.44
N GLU A 143 -31.35 -3.92 -19.44
CA GLU A 143 -32.35 -4.93 -19.73
C GLU A 143 -31.70 -6.30 -19.57
N VAL A 144 -32.21 -7.12 -18.67
CA VAL A 144 -31.66 -8.45 -18.44
C VAL A 144 -32.65 -9.48 -18.96
N VAL A 145 -32.18 -10.41 -19.78
CA VAL A 145 -33.06 -11.40 -20.39
C VAL A 145 -32.50 -12.78 -20.15
N ALA A 146 -33.38 -13.73 -19.81
CA ALA A 146 -32.95 -15.10 -19.55
C ALA A 146 -32.64 -15.80 -20.85
N GLY A 147 -31.50 -16.48 -20.89
CA GLY A 147 -31.16 -17.27 -22.06
C GLY A 147 -29.85 -18.00 -21.85
N ASP A 148 -29.58 -18.91 -22.76
CA ASP A 148 -28.36 -19.71 -22.77
C ASP A 148 -27.69 -19.48 -24.12
N LYS A 149 -26.49 -18.87 -24.12
CA LYS A 149 -25.89 -18.51 -25.39
C LYS A 149 -25.56 -19.73 -26.23
N SER A 150 -25.37 -20.89 -25.60
CA SER A 150 -25.07 -22.12 -26.33
C SER A 150 -26.29 -22.73 -27.02
N GLU A 151 -27.52 -22.23 -26.74
CA GLU A 151 -28.71 -22.80 -27.35
C GLU A 151 -29.08 -22.05 -28.62
N PRO A 152 -29.88 -22.68 -29.51
CA PRO A 152 -30.33 -21.98 -30.71
C PRO A 152 -31.02 -20.66 -30.37
N ASP A 153 -30.67 -19.63 -31.13
CA ASP A 153 -31.19 -18.27 -30.92
C ASP A 153 -30.92 -17.77 -29.51
N LEU A 154 -29.84 -18.25 -28.89
CA LEU A 154 -29.48 -17.88 -27.51
C LEU A 154 -30.53 -18.32 -26.50
N GLY A 155 -31.35 -19.29 -26.86
CA GLY A 155 -32.45 -19.68 -26.00
C GLY A 155 -33.54 -18.63 -25.88
N LEU A 156 -33.54 -17.62 -26.75
CA LEU A 156 -34.49 -16.51 -26.69
C LEU A 156 -35.71 -16.76 -27.56
N ASP A 157 -36.82 -16.12 -27.19
CA ASP A 157 -37.99 -16.06 -28.06
C ASP A 157 -37.57 -15.41 -29.39
N GLN A 158 -38.23 -15.81 -30.48
CA GLN A 158 -37.88 -15.23 -31.78
C GLN A 158 -38.13 -13.74 -31.87
N PRO A 159 -39.20 -13.17 -31.31
CA PRO A 159 -39.33 -11.70 -31.32
C PRO A 159 -38.17 -10.99 -30.64
N MET A 160 -37.69 -11.52 -29.51
CA MET A 160 -36.56 -10.91 -28.84
C MET A 160 -35.27 -11.05 -29.65
N TRP A 161 -35.04 -12.25 -30.20
CA TRP A 161 -33.87 -12.47 -31.04
C TRP A 161 -33.88 -11.51 -32.23
N ARG A 162 -35.04 -11.31 -32.85
CA ARG A 162 -35.10 -10.42 -33.99
C ARG A 162 -34.83 -8.97 -33.58
N ARG A 163 -35.33 -8.55 -32.41
CA ARG A 163 -35.04 -7.18 -31.97
C ARG A 163 -33.54 -6.99 -31.75
N LEU A 164 -32.86 -8.01 -31.23
CA LEU A 164 -31.41 -7.95 -31.06
C LEU A 164 -30.72 -7.80 -32.41
N ALA A 165 -31.11 -8.61 -33.39
CA ALA A 165 -30.49 -8.52 -34.71
C ALA A 165 -30.73 -7.17 -35.35
N GLU A 166 -31.87 -6.54 -35.05
CA GLU A 166 -32.25 -5.28 -35.68
C GLU A 166 -31.65 -4.07 -34.98
N THR A 167 -31.37 -4.16 -33.67
CA THR A 167 -31.05 -2.96 -32.89
C THR A 167 -29.68 -2.96 -32.22
N VAL A 168 -29.03 -4.11 -32.05
CA VAL A 168 -27.78 -4.11 -31.30
C VAL A 168 -26.66 -3.49 -32.13
N ASP A 169 -25.87 -2.61 -31.50
CA ASP A 169 -24.76 -1.92 -32.15
C ASP A 169 -23.40 -2.47 -31.78
N LEU A 170 -23.32 -3.27 -30.71
CA LEU A 170 -22.05 -3.77 -30.22
C LEU A 170 -22.33 -5.05 -29.46
N ILE A 171 -21.55 -6.10 -29.70
CA ILE A 171 -21.62 -7.34 -28.95
C ILE A 171 -20.36 -7.45 -28.11
N VAL A 172 -20.52 -7.74 -26.81
CA VAL A 172 -19.39 -7.94 -25.92
C VAL A 172 -19.56 -9.33 -25.29
N ASP A 173 -18.64 -10.24 -25.60
CA ASP A 173 -18.69 -11.62 -25.10
C ASP A 173 -17.63 -11.81 -24.02
N SER A 174 -18.06 -11.98 -22.77
CA SER A 174 -17.15 -12.24 -21.65
C SER A 174 -17.45 -13.59 -21.01
N ALA A 175 -16.59 -14.00 -20.08
CA ALA A 175 -16.62 -15.34 -19.48
C ALA A 175 -17.71 -15.43 -18.41
N ALA A 176 -18.67 -16.32 -18.61
CA ALA A 176 -19.69 -16.50 -17.58
C ALA A 176 -19.11 -17.20 -16.35
N MET A 177 -19.77 -17.00 -15.22
CA MET A 177 -19.30 -17.54 -13.94
C MET A 177 -19.67 -19.02 -13.83
N VAL A 178 -18.66 -19.89 -13.74
CA VAL A 178 -18.84 -21.31 -13.55
C VAL A 178 -18.12 -21.69 -12.26
N ASN A 179 -18.89 -21.95 -11.21
CA ASN A 179 -18.33 -22.12 -9.87
C ASN A 179 -17.87 -23.56 -9.60
N ALA A 180 -18.31 -24.52 -10.41
CA ALA A 180 -17.90 -25.91 -10.25
C ALA A 180 -16.70 -26.22 -11.15
N PHE A 181 -15.87 -27.15 -10.69
CA PHE A 181 -14.77 -27.68 -11.50
C PHE A 181 -15.30 -28.17 -12.86
N PRO A 182 -14.58 -27.88 -13.97
CA PRO A 182 -13.31 -27.16 -14.05
C PRO A 182 -13.42 -25.64 -14.25
N TYR A 183 -14.49 -25.02 -13.75
CA TYR A 183 -14.61 -23.57 -13.61
C TYR A 183 -14.74 -22.83 -14.93
N HIS A 184 -15.05 -23.54 -16.01
CA HIS A 184 -15.30 -22.90 -17.30
C HIS A 184 -16.25 -23.77 -18.10
N GLU A 185 -16.80 -23.17 -19.16
CA GLU A 185 -17.70 -23.87 -20.07
C GLU A 185 -16.91 -24.84 -20.94
N LEU A 186 -17.48 -26.04 -21.14
CA LEU A 186 -16.85 -27.04 -21.99
C LEU A 186 -16.79 -26.55 -23.44
N PHE A 187 -15.90 -27.19 -24.20
CA PHE A 187 -15.59 -26.78 -25.57
C PHE A 187 -16.84 -26.67 -26.44
N GLY A 188 -17.64 -27.72 -26.49
CA GLY A 188 -18.81 -27.76 -27.33
C GLY A 188 -19.76 -26.59 -27.12
N PRO A 189 -20.37 -26.50 -25.94
CA PRO A 189 -21.31 -25.39 -25.70
C PRO A 189 -20.68 -24.02 -25.87
N ASN A 190 -19.39 -23.87 -25.56
CA ASN A 190 -18.74 -22.58 -25.74
C ASN A 190 -18.65 -22.21 -27.22
N VAL A 191 -18.22 -23.16 -28.06
CA VAL A 191 -18.15 -22.91 -29.50
C VAL A 191 -19.53 -22.63 -30.06
N ALA A 192 -20.52 -23.41 -29.63
CA ALA A 192 -21.90 -23.16 -30.08
C ALA A 192 -22.35 -21.75 -29.73
N GLY A 193 -21.97 -21.27 -28.54
CA GLY A 193 -22.39 -19.95 -28.11
C GLY A 193 -21.75 -18.84 -28.91
N THR A 194 -20.45 -18.96 -29.20
CA THR A 194 -19.80 -17.97 -30.06
C THR A 194 -20.46 -17.94 -31.42
N ALA A 195 -20.79 -19.10 -31.97
CA ALA A 195 -21.43 -19.13 -33.28
C ALA A 195 -22.80 -18.46 -33.26
N GLU A 196 -23.57 -18.66 -32.17
CA GLU A 196 -24.87 -18.01 -32.07
C GLU A 196 -24.71 -16.50 -32.00
N LEU A 197 -23.72 -16.03 -31.24
CA LEU A 197 -23.48 -14.58 -31.20
C LEU A 197 -23.07 -14.05 -32.57
N ILE A 198 -22.24 -14.82 -33.29
CA ILE A 198 -21.86 -14.41 -34.64
C ILE A 198 -23.07 -14.36 -35.54
N ARG A 199 -24.01 -15.30 -35.37
CA ARG A 199 -25.25 -15.24 -36.16
C ARG A 199 -25.95 -13.91 -35.97
N ILE A 200 -26.06 -13.43 -34.73
CA ILE A 200 -26.66 -12.12 -34.50
C ILE A 200 -25.83 -11.03 -35.16
N ALA A 201 -24.50 -11.13 -35.05
CA ALA A 201 -23.60 -10.10 -35.57
C ALA A 201 -23.67 -9.99 -37.08
N LEU A 202 -24.09 -11.06 -37.76
CA LEU A 202 -24.16 -11.16 -39.21
C LEU A 202 -25.55 -10.92 -39.77
N THR A 203 -26.57 -10.75 -38.92
CA THR A 203 -27.96 -10.65 -39.37
C THR A 203 -28.46 -9.22 -39.34
N THR A 204 -29.06 -8.78 -40.47
CA THR A 204 -29.71 -7.49 -40.67
C THR A 204 -28.71 -6.33 -40.79
N LYS A 205 -27.81 -6.20 -39.82
CA LYS A 205 -26.75 -5.22 -39.90
C LYS A 205 -25.52 -5.79 -39.21
N LEU A 206 -24.33 -5.52 -39.75
CA LEU A 206 -23.11 -6.04 -39.14
C LEU A 206 -22.87 -5.34 -37.80
N LYS A 207 -22.38 -6.08 -36.82
CA LYS A 207 -22.23 -5.55 -35.46
C LYS A 207 -20.80 -5.78 -35.00
N PRO A 208 -20.06 -4.74 -34.61
CA PRO A 208 -18.73 -4.94 -34.03
C PRO A 208 -18.80 -5.93 -32.88
N PHE A 209 -17.78 -6.77 -32.76
CA PHE A 209 -17.80 -7.93 -31.89
C PHE A 209 -16.55 -7.88 -31.00
N THR A 210 -16.75 -7.65 -29.71
CA THR A 210 -15.67 -7.71 -28.72
C THR A 210 -15.65 -9.11 -28.13
N TYR A 211 -14.48 -9.75 -28.09
CA TYR A 211 -14.38 -11.13 -27.64
C TYR A 211 -13.30 -11.25 -26.57
N VAL A 212 -13.68 -11.59 -25.35
CA VAL A 212 -12.70 -11.82 -24.29
C VAL A 212 -12.10 -13.20 -24.47
N SER A 213 -10.79 -13.25 -24.66
CA SER A 213 -10.04 -14.48 -24.86
C SER A 213 -9.02 -14.58 -23.72
N THR A 214 -8.00 -15.40 -23.91
CA THR A 214 -7.09 -15.68 -22.80
C THR A 214 -5.68 -15.90 -23.32
N ALA A 215 -4.70 -15.52 -22.49
CA ALA A 215 -3.30 -15.80 -22.81
C ALA A 215 -3.06 -17.28 -23.05
N ASP A 216 -3.87 -18.15 -22.42
CA ASP A 216 -3.71 -19.59 -22.52
C ASP A 216 -3.84 -20.09 -23.96
N VAL A 217 -4.46 -19.31 -24.84
CA VAL A 217 -4.51 -19.65 -26.27
C VAL A 217 -3.10 -19.89 -26.81
N GLY A 218 -2.11 -19.20 -26.26
CA GLY A 218 -0.75 -19.36 -26.74
C GLY A 218 0.03 -20.53 -26.17
N ALA A 219 -0.59 -21.35 -25.31
CA ALA A 219 0.17 -22.37 -24.61
C ALA A 219 0.84 -23.35 -25.59
N ALA A 220 0.11 -23.74 -26.63
CA ALA A 220 0.62 -24.71 -27.60
C ALA A 220 1.35 -24.06 -28.76
N ILE A 221 2.03 -22.93 -28.52
CA ILE A 221 2.56 -22.08 -29.59
C ILE A 221 3.91 -21.54 -29.16
N GLU A 222 4.89 -21.62 -30.05
CA GLU A 222 6.17 -20.98 -29.82
C GLU A 222 5.96 -19.48 -29.61
N PRO A 223 6.56 -18.88 -28.59
CA PRO A 223 6.25 -17.48 -28.27
C PRO A 223 6.52 -16.49 -29.38
N SER A 224 7.50 -16.76 -30.25
CA SER A 224 7.79 -15.81 -31.30
C SER A 224 6.73 -15.82 -32.39
N ALA A 225 5.92 -16.87 -32.48
CA ALA A 225 4.78 -16.85 -33.38
C ALA A 225 3.53 -16.27 -32.75
N PHE A 226 3.48 -16.17 -31.42
CA PHE A 226 2.25 -15.82 -30.70
C PHE A 226 2.16 -14.29 -30.54
N THR A 227 1.92 -13.64 -31.67
CA THR A 227 1.86 -12.20 -31.72
C THR A 227 0.40 -11.73 -31.77
N GLU A 228 0.22 -10.43 -31.54
CA GLU A 228 -1.10 -9.83 -31.65
C GLU A 228 -1.58 -9.77 -33.09
N ASP A 229 -0.65 -9.71 -34.04
CA ASP A 229 -1.02 -9.57 -35.43
C ASP A 229 -1.26 -10.89 -36.14
N ALA A 230 -0.85 -12.01 -35.54
CA ALA A 230 -0.91 -13.28 -36.25
C ALA A 230 -2.36 -13.73 -36.42
N ASP A 231 -2.61 -14.43 -37.52
CA ASP A 231 -3.88 -15.11 -37.72
C ASP A 231 -3.87 -16.41 -36.92
N ILE A 232 -4.78 -16.52 -35.95
CA ILE A 232 -4.80 -17.69 -35.05
C ILE A 232 -4.90 -19.00 -35.83
N ARG A 233 -5.58 -18.97 -36.98
CA ARG A 233 -5.74 -20.18 -37.81
C ARG A 233 -4.41 -20.65 -38.38
N VAL A 234 -3.47 -19.73 -38.61
CA VAL A 234 -2.17 -20.07 -39.18
C VAL A 234 -1.20 -20.56 -38.11
N ILE A 235 -1.15 -19.86 -36.96
CA ILE A 235 -0.18 -20.23 -35.93
C ILE A 235 -0.68 -21.34 -35.02
N SER A 236 -1.98 -21.61 -35.00
CA SER A 236 -2.55 -22.65 -34.13
C SER A 236 -3.62 -23.43 -34.89
N PRO A 237 -3.21 -24.18 -35.92
CA PRO A 237 -4.19 -24.83 -36.81
C PRO A 237 -4.87 -26.06 -36.24
N THR A 238 -4.29 -26.70 -35.21
CA THR A 238 -4.78 -27.96 -34.68
C THR A 238 -4.67 -27.93 -33.17
N ARG A 239 -5.67 -28.51 -32.48
CA ARG A 239 -5.64 -28.55 -31.03
C ARG A 239 -6.29 -29.83 -30.52
N THR A 240 -5.89 -30.24 -29.32
CA THR A 240 -6.52 -31.34 -28.61
C THR A 240 -7.60 -30.81 -27.68
N VAL A 241 -8.80 -31.36 -27.80
CA VAL A 241 -9.88 -31.08 -26.88
C VAL A 241 -9.89 -32.16 -25.81
N ASP A 242 -10.17 -31.76 -24.57
CA ASP A 242 -10.14 -32.61 -23.37
C ASP A 242 -8.73 -32.99 -22.95
N GLY A 243 -7.73 -32.23 -23.37
CA GLY A 243 -6.35 -32.52 -23.01
C GLY A 243 -5.96 -31.96 -21.65
N GLY A 244 -6.68 -32.39 -20.61
CA GLY A 244 -6.44 -31.90 -19.26
C GLY A 244 -7.29 -30.69 -18.92
N TRP A 245 -7.85 -30.67 -17.71
CA TRP A 245 -8.71 -29.56 -17.29
C TRP A 245 -8.02 -28.23 -17.41
N ALA A 246 -6.69 -28.20 -17.27
CA ALA A 246 -5.95 -26.95 -17.30
C ALA A 246 -6.07 -26.28 -18.66
N GLY A 247 -5.92 -27.06 -19.74
CA GLY A 247 -5.96 -26.52 -21.08
C GLY A 247 -7.33 -26.32 -21.69
N GLY A 248 -8.40 -26.70 -20.98
CA GLY A 248 -9.73 -26.59 -21.56
C GLY A 248 -10.14 -25.16 -21.84
N TYR A 249 -9.77 -24.24 -20.96
CA TYR A 249 -10.16 -22.85 -21.14
C TYR A 249 -9.51 -22.25 -22.38
N GLY A 250 -8.20 -22.46 -22.53
CA GLY A 250 -7.50 -21.91 -23.69
C GLY A 250 -8.00 -22.47 -25.00
N THR A 251 -8.34 -23.76 -25.02
CA THR A 251 -8.79 -24.38 -26.27
C THR A 251 -10.20 -23.93 -26.62
N SER A 252 -11.07 -23.72 -25.63
CA SER A 252 -12.39 -23.20 -25.97
C SER A 252 -12.29 -21.77 -26.50
N LYS A 253 -11.39 -20.97 -25.95
CA LYS A 253 -11.26 -19.60 -26.43
C LYS A 253 -10.62 -19.56 -27.81
N TRP A 254 -9.65 -20.45 -28.05
CA TRP A 254 -9.08 -20.62 -29.39
C TRP A 254 -10.18 -20.82 -30.43
N ALA A 255 -11.15 -21.69 -30.14
CA ALA A 255 -12.18 -21.98 -31.13
C ALA A 255 -13.01 -20.74 -31.44
N GLY A 256 -13.34 -19.94 -30.42
CA GLY A 256 -14.05 -18.70 -30.67
C GLY A 256 -13.28 -17.73 -31.55
N GLU A 257 -11.97 -17.59 -31.32
CA GLU A 257 -11.15 -16.73 -32.18
C GLU A 257 -11.17 -17.21 -33.62
N VAL A 258 -11.08 -18.53 -33.83
CA VAL A 258 -11.12 -19.05 -35.19
C VAL A 258 -12.44 -18.71 -35.87
N LEU A 259 -13.57 -18.89 -35.18
CA LEU A 259 -14.86 -18.57 -35.77
C LEU A 259 -14.97 -17.09 -36.11
N LEU A 260 -14.43 -16.23 -35.25
CA LEU A 260 -14.46 -14.80 -35.53
C LEU A 260 -13.56 -14.44 -36.71
N ARG A 261 -12.40 -15.12 -36.84
CA ARG A 261 -11.59 -14.94 -38.04
C ARG A 261 -12.38 -15.31 -39.29
N GLU A 262 -13.17 -16.39 -39.23
CA GLU A 262 -13.98 -16.79 -40.38
C GLU A 262 -15.03 -15.74 -40.72
N ALA A 263 -15.71 -15.19 -39.71
CA ALA A 263 -16.67 -14.11 -39.93
C ALA A 263 -16.01 -12.90 -40.56
N ASN A 264 -14.80 -12.57 -40.10
CA ASN A 264 -14.09 -11.41 -40.65
C ASN A 264 -13.67 -11.66 -42.10
N ASP A 265 -13.27 -12.89 -42.43
CA ASP A 265 -13.02 -13.24 -43.84
C ASP A 265 -14.26 -13.02 -44.69
N LEU A 266 -15.43 -13.39 -44.18
CA LEU A 266 -16.65 -13.39 -44.98
C LEU A 266 -17.09 -11.97 -45.33
N CYS A 267 -17.11 -11.06 -44.33
CA CYS A 267 -17.73 -9.76 -44.53
C CYS A 267 -16.99 -8.60 -43.87
N ALA A 268 -15.72 -8.79 -43.46
CA ALA A 268 -14.93 -7.74 -42.81
C ALA A 268 -15.58 -7.28 -41.50
N LEU A 269 -16.35 -8.15 -40.87
CA LEU A 269 -16.92 -7.89 -39.56
C LEU A 269 -15.84 -7.32 -38.63
N PRO A 270 -16.04 -6.14 -38.05
CA PRO A 270 -15.02 -5.60 -37.13
C PRO A 270 -15.01 -6.44 -35.84
N VAL A 271 -13.85 -7.01 -35.55
CA VAL A 271 -13.65 -7.90 -34.41
C VAL A 271 -12.51 -7.36 -33.56
N ALA A 272 -12.69 -7.38 -32.24
CA ALA A 272 -11.65 -7.03 -31.29
C ALA A 272 -11.52 -8.18 -30.30
N VAL A 273 -10.39 -8.90 -30.39
CA VAL A 273 -10.07 -10.02 -29.51
C VAL A 273 -9.14 -9.52 -28.42
N PHE A 274 -9.49 -9.78 -27.15
CA PHE A 274 -8.69 -9.38 -26.00
C PHE A 274 -8.18 -10.63 -25.29
N ARG A 275 -6.94 -11.01 -25.55
CA ARG A 275 -6.34 -12.14 -24.86
C ARG A 275 -5.85 -11.65 -23.50
N CYS A 276 -6.54 -12.03 -22.44
CA CYS A 276 -6.23 -11.54 -21.11
C CYS A 276 -5.37 -12.55 -20.36
N GLY A 277 -4.40 -12.05 -19.59
CA GLY A 277 -3.74 -12.82 -18.56
C GLY A 277 -4.65 -12.97 -17.36
N MET A 278 -4.07 -13.27 -16.19
CA MET A 278 -4.88 -13.41 -14.99
C MET A 278 -5.48 -12.06 -14.60
N ILE A 279 -6.78 -12.06 -14.29
CA ILE A 279 -7.49 -10.83 -13.92
C ILE A 279 -7.66 -10.82 -12.41
N LEU A 280 -7.12 -9.79 -11.76
CA LEU A 280 -7.09 -9.73 -10.31
C LEU A 280 -8.25 -8.91 -9.77
N ALA A 281 -8.76 -9.33 -8.63
CA ALA A 281 -9.63 -8.46 -7.83
C ALA A 281 -8.87 -7.19 -7.45
N ASP A 282 -9.58 -6.07 -7.38
CA ASP A 282 -8.89 -4.87 -6.94
C ASP A 282 -9.67 -4.16 -5.84
N THR A 283 -9.18 -2.99 -5.43
CA THR A 283 -9.65 -2.32 -4.23
C THR A 283 -10.77 -1.33 -4.50
N SER A 284 -11.33 -1.28 -5.71
CA SER A 284 -12.37 -0.31 -6.02
C SER A 284 -13.60 -0.52 -5.16
N TYR A 285 -14.09 -1.76 -5.10
CA TYR A 285 -15.24 -2.13 -4.28
C TYR A 285 -14.87 -3.33 -3.44
N ALA A 286 -15.54 -3.47 -2.31
CA ALA A 286 -15.30 -4.58 -1.40
C ALA A 286 -16.14 -5.78 -1.80
N GLY A 287 -15.61 -6.97 -1.52
CA GLY A 287 -16.36 -8.19 -1.71
C GLY A 287 -16.42 -8.72 -3.12
N GLN A 288 -15.67 -8.13 -4.06
CA GLN A 288 -15.72 -8.54 -5.46
C GLN A 288 -14.51 -9.44 -5.77
N LEU A 289 -14.77 -10.74 -5.86
CA LEU A 289 -13.79 -11.77 -6.16
C LEU A 289 -14.33 -12.72 -7.21
N ASN A 290 -13.41 -13.30 -7.99
CA ASN A 290 -13.72 -14.49 -8.78
C ASN A 290 -13.34 -15.69 -7.93
N MET A 291 -14.35 -16.34 -7.32
CA MET A 291 -14.08 -17.46 -6.43
C MET A 291 -13.49 -18.65 -7.15
N SER A 292 -13.71 -18.78 -8.46
CA SER A 292 -13.27 -19.95 -9.18
C SER A 292 -11.82 -19.87 -9.65
N ASP A 293 -11.18 -18.71 -9.60
CA ASP A 293 -9.89 -18.65 -10.27
C ASP A 293 -8.75 -19.06 -9.33
N TRP A 294 -7.59 -19.32 -9.95
CA TRP A 294 -6.48 -19.92 -9.23
C TRP A 294 -5.94 -18.99 -8.13
N VAL A 295 -5.88 -17.69 -8.40
CA VAL A 295 -5.28 -16.78 -7.42
C VAL A 295 -6.14 -16.71 -6.16
N THR A 296 -7.45 -16.57 -6.32
CA THR A 296 -8.34 -16.55 -5.16
C THR A 296 -8.20 -17.85 -4.36
N ARG A 297 -8.18 -18.98 -5.05
CA ARG A 297 -8.08 -20.25 -4.33
C ARG A 297 -6.73 -20.39 -3.62
N MET A 298 -5.66 -19.90 -4.26
CA MET A 298 -4.33 -19.99 -3.65
C MET A 298 -4.21 -19.09 -2.42
N VAL A 299 -4.74 -17.86 -2.48
CA VAL A 299 -4.67 -17.02 -1.28
C VAL A 299 -5.44 -17.66 -0.13
N LEU A 300 -6.62 -18.20 -0.42
CA LEU A 300 -7.36 -18.93 0.60
C LEU A 300 -6.54 -20.10 1.13
N SER A 301 -5.91 -20.85 0.23
CA SER A 301 -5.15 -22.04 0.64
C SER A 301 -3.98 -21.65 1.53
N LEU A 302 -3.22 -20.63 1.12
CA LEU A 302 -2.09 -20.19 1.92
C LEU A 302 -2.52 -19.73 3.31
N MET A 303 -3.59 -18.94 3.37
CA MET A 303 -4.08 -18.45 4.66
C MET A 303 -4.64 -19.58 5.52
N ALA A 304 -5.41 -20.51 4.92
CA ALA A 304 -6.05 -21.53 5.74
C ALA A 304 -5.07 -22.59 6.21
N THR A 305 -4.09 -22.97 5.37
CA THR A 305 -3.06 -23.92 5.81
C THR A 305 -1.96 -23.26 6.61
N GLY A 306 -1.76 -21.96 6.41
CA GLY A 306 -0.72 -21.20 7.07
C GLY A 306 0.69 -21.47 6.61
N ILE A 307 0.90 -22.20 5.51
CA ILE A 307 2.26 -22.55 5.11
C ILE A 307 2.48 -22.23 3.64
N ALA A 308 3.60 -21.56 3.36
CA ALA A 308 4.08 -21.14 2.06
C ALA A 308 5.48 -21.70 1.83
N PRO A 309 5.88 -21.94 0.59
CA PRO A 309 7.25 -22.38 0.34
C PRO A 309 8.21 -21.19 0.37
N ARG A 310 9.51 -21.51 0.50
CA ARG A 310 10.52 -20.49 0.34
C ARG A 310 10.36 -19.77 -0.97
N SER A 311 10.09 -20.53 -2.03
CA SER A 311 9.82 -19.97 -3.36
C SER A 311 8.93 -20.92 -4.13
N PHE A 312 7.98 -20.36 -4.89
CA PHE A 312 7.22 -21.16 -5.83
C PHE A 312 8.03 -21.52 -7.07
N TYR A 313 9.22 -20.96 -7.21
CA TYR A 313 10.01 -21.06 -8.42
C TYR A 313 11.29 -21.84 -8.18
N GLU A 314 11.81 -22.41 -9.27
CA GLU A 314 13.15 -22.98 -9.22
C GLU A 314 14.13 -21.91 -8.73
N PRO A 315 15.16 -22.29 -7.97
CA PRO A 315 16.19 -21.33 -7.62
C PRO A 315 16.87 -20.82 -8.89
N ASP A 316 17.43 -19.63 -8.81
CA ASP A 316 18.18 -19.12 -9.95
C ASP A 316 19.54 -19.80 -10.01
N SER A 317 20.39 -19.40 -10.95
CA SER A 317 21.64 -20.10 -11.17
C SER A 317 22.61 -20.00 -10.01
N GLU A 318 22.37 -19.11 -9.05
CA GLU A 318 23.22 -18.99 -7.87
C GLU A 318 22.61 -19.69 -6.65
N GLY A 319 21.47 -20.36 -6.81
CA GLY A 319 20.78 -20.92 -5.67
C GLY A 319 19.88 -19.95 -4.92
N ASN A 320 19.70 -18.74 -5.44
CA ASN A 320 18.91 -17.72 -4.75
C ASN A 320 17.48 -17.71 -5.28
N ARG A 321 16.63 -16.97 -4.57
CA ARG A 321 15.23 -16.83 -4.99
C ARG A 321 15.18 -16.14 -6.33
N GLN A 322 14.60 -16.80 -7.33
CA GLN A 322 14.74 -16.37 -8.71
C GLN A 322 13.87 -15.15 -9.02
N ARG A 323 14.42 -14.21 -9.79
CA ARG A 323 13.62 -13.09 -10.24
C ARG A 323 12.46 -13.61 -11.10
N ALA A 324 11.24 -13.22 -10.73
CA ALA A 324 10.04 -13.77 -11.35
C ALA A 324 9.00 -12.67 -11.46
N HIS A 325 8.05 -12.88 -12.37
CA HIS A 325 6.98 -11.92 -12.59
C HIS A 325 5.69 -12.66 -12.84
N PHE A 326 4.64 -12.28 -12.12
CA PHE A 326 3.32 -12.86 -12.29
C PHE A 326 2.46 -11.95 -13.16
N ASP A 327 1.86 -12.50 -14.21
CA ASP A 327 1.05 -11.71 -15.14
C ASP A 327 -0.36 -11.61 -14.58
N GLY A 328 -0.60 -10.56 -13.80
CA GLY A 328 -1.95 -10.21 -13.37
C GLY A 328 -2.21 -8.72 -13.57
N LEU A 329 -3.48 -8.40 -13.80
CA LEU A 329 -3.93 -7.03 -14.01
C LEU A 329 -5.22 -6.80 -13.24
N PRO A 330 -5.39 -5.63 -12.63
CA PRO A 330 -6.63 -5.35 -11.89
C PRO A 330 -7.84 -5.29 -12.82
N VAL A 331 -8.96 -5.84 -12.34
CA VAL A 331 -10.15 -5.99 -13.19
C VAL A 331 -10.66 -4.64 -13.70
N THR A 332 -10.52 -3.57 -12.90
CA THR A 332 -11.01 -2.26 -13.34
C THR A 332 -10.27 -1.80 -14.57
N PHE A 333 -8.94 -2.00 -14.59
CA PHE A 333 -8.14 -1.66 -15.77
C PHE A 333 -8.56 -2.50 -16.97
N VAL A 334 -8.69 -3.82 -16.77
CA VAL A 334 -9.02 -4.72 -17.86
C VAL A 334 -10.37 -4.35 -18.47
N ALA A 335 -11.37 -4.13 -17.62
CA ALA A 335 -12.69 -3.78 -18.15
C ALA A 335 -12.65 -2.46 -18.91
N GLU A 336 -11.91 -1.50 -18.39
CA GLU A 336 -11.86 -0.20 -19.06
C GLU A 336 -11.15 -0.30 -20.41
N ALA A 337 -10.05 -1.04 -20.45
CA ALA A 337 -9.34 -1.27 -21.72
C ALA A 337 -10.25 -1.93 -22.76
N ILE A 338 -10.97 -2.98 -22.36
CA ILE A 338 -11.84 -3.67 -23.29
C ILE A 338 -12.94 -2.75 -23.80
N ALA A 339 -13.49 -1.91 -22.93
CA ALA A 339 -14.56 -1.01 -23.37
C ALA A 339 -14.03 0.05 -24.33
N VAL A 340 -12.89 0.66 -23.99
CA VAL A 340 -12.39 1.75 -24.82
C VAL A 340 -11.90 1.22 -26.16
N LEU A 341 -11.17 0.10 -26.15
CA LEU A 341 -10.59 -0.38 -27.39
C LEU A 341 -11.61 -1.14 -28.23
N GLY A 342 -12.59 -1.77 -27.59
CA GLY A 342 -13.65 -2.42 -28.32
C GLY A 342 -14.59 -1.47 -29.03
N ALA A 343 -14.59 -0.20 -28.63
CA ALA A 343 -15.42 0.81 -29.29
C ALA A 343 -14.75 1.44 -30.51
N ARG A 344 -13.53 1.03 -30.86
CA ARG A 344 -12.90 1.48 -32.08
C ARG A 344 -13.60 0.87 -33.28
N VAL A 345 -14.59 1.60 -33.80
CA VAL A 345 -15.33 1.20 -35.01
C VAL A 345 -14.95 2.09 -36.19
N ALA A 346 -15.10 3.42 -36.05
CA ALA A 346 -14.64 4.33 -37.10
C ALA A 346 -13.15 4.18 -37.34
N GLY A 347 -12.38 3.89 -36.29
CA GLY A 347 -10.95 3.70 -36.37
C GLY A 347 -10.51 2.26 -36.45
N SER A 348 -11.42 1.30 -36.65
CA SER A 348 -10.94 -0.04 -36.92
C SER A 348 -10.23 -0.04 -38.27
N SER A 349 -9.30 -0.99 -38.44
CA SER A 349 -8.58 -1.09 -39.71
C SER A 349 -9.55 -1.44 -40.84
N LEU A 350 -9.07 -1.28 -42.08
CA LEU A 350 -9.92 -1.65 -43.21
C LEU A 350 -10.30 -3.13 -43.15
N ALA A 351 -9.31 -3.99 -42.88
CA ALA A 351 -9.60 -5.42 -42.80
C ALA A 351 -10.50 -5.73 -41.62
N GLY A 352 -10.30 -5.04 -40.49
CA GLY A 352 -11.25 -5.03 -39.42
C GLY A 352 -11.00 -5.97 -38.26
N PHE A 353 -9.88 -6.69 -38.23
CA PHE A 353 -9.65 -7.67 -37.17
C PHE A 353 -8.50 -7.20 -36.28
N ALA A 354 -8.76 -7.01 -34.99
CA ALA A 354 -7.74 -6.59 -34.05
C ALA A 354 -7.66 -7.58 -32.92
N THR A 355 -6.43 -7.92 -32.53
CA THR A 355 -6.15 -8.70 -31.33
C THR A 355 -5.25 -7.87 -30.41
N TYR A 356 -5.57 -7.89 -29.13
CA TYR A 356 -4.78 -7.20 -28.12
C TYR A 356 -4.40 -8.19 -27.05
N HIS A 357 -3.14 -8.12 -26.62
CA HIS A 357 -2.67 -8.94 -25.50
C HIS A 357 -2.79 -8.08 -24.24
N VAL A 358 -3.91 -8.26 -23.53
CA VAL A 358 -4.20 -7.57 -22.29
C VAL A 358 -3.44 -8.29 -21.18
N MET A 359 -2.14 -8.00 -21.09
CA MET A 359 -1.27 -8.73 -20.19
C MET A 359 -0.36 -7.74 -19.48
N ASN A 360 0.14 -8.16 -18.34
CA ASN A 360 1.08 -7.41 -17.54
C ASN A 360 2.47 -7.86 -17.97
N PRO A 361 3.17 -7.05 -18.77
CA PRO A 361 4.44 -7.50 -19.37
C PRO A 361 5.69 -7.12 -18.58
N HIS A 362 5.56 -6.47 -17.42
CA HIS A 362 6.70 -5.80 -16.81
C HIS A 362 7.75 -6.77 -16.28
N ASP A 363 9.03 -6.41 -16.47
CA ASP A 363 10.13 -7.10 -15.79
C ASP A 363 10.39 -6.34 -14.50
N ASP A 364 9.51 -6.56 -13.53
CA ASP A 364 9.52 -5.83 -12.28
C ASP A 364 9.92 -6.66 -11.06
N GLY A 365 10.21 -7.95 -11.24
CA GLY A 365 10.51 -8.80 -10.10
C GLY A 365 9.36 -8.96 -9.13
N ILE A 366 8.12 -8.76 -9.57
CA ILE A 366 6.95 -8.91 -8.71
C ILE A 366 6.25 -10.19 -9.14
N GLY A 367 6.48 -11.26 -8.39
CA GLY A 367 5.89 -12.55 -8.66
C GLY A 367 5.24 -13.15 -7.44
N LEU A 368 4.90 -14.43 -7.50
CA LEU A 368 4.13 -15.03 -6.42
C LEU A 368 4.86 -14.98 -5.09
N ASP A 369 6.20 -15.01 -5.11
CA ASP A 369 6.95 -14.94 -3.84
C ASP A 369 6.80 -13.59 -3.19
N GLU A 370 6.76 -12.51 -3.99
CA GLU A 370 6.53 -11.19 -3.43
C GLU A 370 5.11 -11.07 -2.87
N TYR A 371 4.14 -11.72 -3.51
CA TYR A 371 2.79 -11.71 -2.94
C TYR A 371 2.79 -12.35 -1.55
N VAL A 372 3.50 -13.47 -1.40
CA VAL A 372 3.62 -14.11 -0.08
C VAL A 372 4.35 -13.20 0.90
N ASP A 373 5.46 -12.57 0.46
CA ASP A 373 6.15 -11.59 1.31
C ASP A 373 5.17 -10.57 1.88
N TRP A 374 4.33 -10.01 1.01
CA TRP A 374 3.41 -8.96 1.43
C TRP A 374 2.41 -9.45 2.47
N LEU A 375 1.90 -10.67 2.30
CA LEU A 375 0.96 -11.22 3.28
C LEU A 375 1.65 -11.44 4.62
N ILE A 376 2.88 -11.96 4.60
CA ILE A 376 3.62 -12.19 5.84
C ILE A 376 3.94 -10.87 6.52
N GLU A 377 4.36 -9.88 5.73
CA GLU A 377 4.69 -8.58 6.28
C GLU A 377 3.47 -7.82 6.76
N ALA A 378 2.29 -8.16 6.26
CA ALA A 378 1.06 -7.59 6.79
C ALA A 378 0.67 -8.18 8.14
N GLY A 379 1.34 -9.25 8.57
CA GLY A 379 1.05 -9.86 9.85
C GLY A 379 0.12 -11.06 9.80
N TYR A 380 -0.21 -11.56 8.62
CA TYR A 380 -1.10 -12.70 8.51
C TYR A 380 -0.39 -13.98 8.94
N PRO A 381 -1.18 -15.01 9.50
CA PRO A 381 -0.57 -16.24 10.06
C PRO A 381 -0.11 -17.21 8.98
N ILE A 382 0.91 -16.79 8.23
CA ILE A 382 1.56 -17.61 7.24
C ILE A 382 3.04 -17.69 7.57
N ARG A 383 3.56 -18.89 7.62
CA ARG A 383 4.98 -19.12 7.81
C ARG A 383 5.51 -19.85 6.60
N ARG A 384 6.79 -19.66 6.31
CA ARG A 384 7.41 -20.34 5.21
C ARG A 384 8.03 -21.65 5.67
N ILE A 385 7.88 -22.67 4.86
CA ILE A 385 8.57 -23.93 5.03
C ILE A 385 9.76 -23.88 4.09
N ASP A 386 10.96 -23.84 4.66
CA ASP A 386 12.15 -23.50 3.88
C ASP A 386 12.52 -24.62 2.91
N ASP A 387 12.36 -25.87 3.33
CA ASP A 387 12.54 -27.00 2.43
C ASP A 387 11.31 -27.11 1.54
N PHE A 388 11.51 -27.07 0.22
CA PHE A 388 10.36 -27.09 -0.67
C PHE A 388 9.67 -28.44 -0.66
N ALA A 389 10.44 -29.53 -0.63
CA ALA A 389 9.84 -30.86 -0.56
C ALA A 389 8.91 -30.96 0.64
N GLU A 390 9.36 -30.48 1.80
CA GLU A 390 8.49 -30.46 2.96
C GLU A 390 7.23 -29.65 2.68
N TRP A 391 7.36 -28.53 1.97
CA TRP A 391 6.19 -27.65 1.82
C TRP A 391 5.09 -28.31 1.00
N LEU A 392 5.43 -28.85 -0.18
CA LEU A 392 4.36 -29.24 -1.09
C LEU A 392 3.56 -30.40 -0.52
N GLN A 393 4.21 -31.32 0.17
CA GLN A 393 3.48 -32.45 0.71
C GLN A 393 2.76 -32.07 2.00
N ARG A 394 3.32 -31.17 2.83
CA ARG A 394 2.56 -30.69 3.98
C ARG A 394 1.40 -29.80 3.54
N PHE A 395 1.57 -29.06 2.45
CA PHE A 395 0.53 -28.16 1.94
C PHE A 395 -0.65 -28.95 1.38
N GLU A 396 -0.38 -29.96 0.55
CA GLU A 396 -1.49 -30.75 0.04
C GLU A 396 -2.21 -31.47 1.17
N ALA A 397 -1.44 -31.96 2.15
CA ALA A 397 -2.04 -32.59 3.31
C ALA A 397 -2.87 -31.59 4.11
N SER A 398 -2.30 -30.42 4.38
CA SER A 398 -3.02 -29.42 5.18
C SER A 398 -4.36 -29.04 4.53
N LEU A 399 -4.41 -29.01 3.19
CA LEU A 399 -5.68 -28.71 2.52
C LEU A 399 -6.72 -29.79 2.80
N GLY A 400 -6.30 -31.06 2.76
CA GLY A 400 -7.23 -32.13 3.05
C GLY A 400 -7.72 -32.13 4.48
N ALA A 401 -7.03 -31.41 5.37
CA ALA A 401 -7.43 -31.32 6.76
C ALA A 401 -8.39 -30.16 7.03
N LEU A 402 -8.67 -29.33 6.02
CA LEU A 402 -9.54 -28.18 6.24
C LEU A 402 -11.01 -28.61 6.35
N PRO A 403 -11.84 -27.81 7.01
CA PRO A 403 -13.29 -28.04 6.96
C PRO A 403 -13.78 -28.08 5.52
N ASP A 404 -14.85 -28.85 5.32
CA ASP A 404 -15.42 -29.08 3.99
C ASP A 404 -15.60 -27.78 3.20
N ARG A 405 -16.17 -26.75 3.82
CA ARG A 405 -16.44 -25.52 3.06
C ARG A 405 -15.16 -24.87 2.58
N GLN A 406 -14.11 -24.86 3.40
CA GLN A 406 -12.85 -24.30 2.94
C GLN A 406 -12.20 -25.17 1.88
N ARG A 407 -12.23 -26.50 2.07
CA ARG A 407 -11.60 -27.40 1.11
C ARG A 407 -12.11 -27.15 -0.30
N ARG A 408 -13.42 -26.96 -0.44
CA ARG A 408 -14.01 -26.80 -1.76
C ARG A 408 -13.58 -25.50 -2.42
N HIS A 409 -13.21 -24.51 -1.62
CA HIS A 409 -12.78 -23.21 -2.11
C HIS A 409 -11.27 -23.08 -2.22
N SER A 410 -10.52 -24.14 -1.92
CA SER A 410 -9.08 -24.12 -1.97
C SER A 410 -8.60 -24.61 -3.34
N VAL A 411 -7.27 -24.71 -3.49
CA VAL A 411 -6.72 -25.28 -4.71
C VAL A 411 -6.74 -26.79 -4.72
N LEU A 412 -7.22 -27.44 -3.65
CA LEU A 412 -7.19 -28.90 -3.59
C LEU A 412 -7.90 -29.56 -4.77
N PRO A 413 -9.09 -29.13 -5.19
CA PRO A 413 -9.70 -29.78 -6.36
C PRO A 413 -8.80 -29.72 -7.59
N MET A 414 -8.11 -28.59 -7.79
CA MET A 414 -7.21 -28.47 -8.93
C MET A 414 -5.99 -29.39 -8.78
N LEU A 415 -5.58 -29.69 -7.54
CA LEU A 415 -4.51 -30.66 -7.31
C LEU A 415 -4.99 -32.07 -7.63
N LEU A 416 -6.16 -32.44 -7.16
CA LEU A 416 -6.71 -33.77 -7.39
C LEU A 416 -7.29 -33.89 -8.81
N LEU A 423 3.91 -32.20 -10.13
CA LEU A 423 3.96 -30.77 -9.81
C LEU A 423 5.34 -30.37 -9.31
N GLN A 424 5.88 -29.29 -9.85
CA GLN A 424 7.27 -28.92 -9.61
C GLN A 424 7.38 -27.43 -9.40
N PRO A 425 8.47 -26.94 -8.81
CA PRO A 425 8.74 -25.51 -8.81
C PRO A 425 8.61 -24.92 -10.21
N LEU A 426 8.09 -23.69 -10.26
CA LEU A 426 7.84 -23.05 -11.54
C LEU A 426 9.14 -22.60 -12.19
N LYS A 427 9.19 -22.70 -13.53
CA LYS A 427 10.27 -22.08 -14.30
C LYS A 427 9.77 -20.74 -14.79
N PRO A 428 10.33 -19.61 -14.34
CA PRO A 428 9.81 -18.27 -14.66
C PRO A 428 9.73 -17.99 -16.16
N CYS A 432 10.60 -10.74 -22.13
CA CYS A 432 9.17 -11.03 -21.91
C CYS A 432 8.50 -11.63 -23.15
N SER A 433 8.06 -12.88 -23.02
CA SER A 433 7.86 -13.71 -24.20
C SER A 433 6.56 -13.43 -24.97
N ALA A 434 5.44 -13.16 -24.29
CA ALA A 434 4.21 -12.82 -25.02
C ALA A 434 4.19 -11.34 -25.34
N PRO A 435 4.34 -10.93 -26.61
CA PRO A 435 4.43 -9.50 -26.92
C PRO A 435 3.12 -8.77 -26.65
N THR A 436 3.26 -7.50 -26.23
CA THR A 436 2.12 -6.66 -25.89
C THR A 436 2.19 -5.33 -26.63
N ASP A 437 2.95 -5.27 -27.73
CA ASP A 437 3.23 -4.00 -28.39
C ASP A 437 1.96 -3.26 -28.79
N ARG A 438 0.99 -3.96 -29.38
CA ARG A 438 -0.19 -3.24 -29.85
C ARG A 438 -1.05 -2.80 -28.67
N PHE A 439 -1.25 -3.70 -27.69
CA PHE A 439 -2.04 -3.29 -26.53
C PHE A 439 -1.37 -2.15 -25.80
N ARG A 440 -0.07 -2.25 -25.53
CA ARG A 440 0.57 -1.23 -24.72
C ARG A 440 0.55 0.12 -25.43
N ALA A 441 0.78 0.13 -26.74
CA ALA A 441 0.72 1.39 -27.48
C ALA A 441 -0.69 1.96 -27.45
N ALA A 442 -1.72 1.10 -27.53
CA ALA A 442 -3.10 1.57 -27.49
C ALA A 442 -3.47 2.10 -26.11
N VAL A 443 -2.94 1.48 -25.04
CA VAL A 443 -3.19 2.00 -23.70
C VAL A 443 -2.73 3.44 -23.59
N ARG A 444 -1.54 3.74 -24.11
CA ARG A 444 -1.05 5.12 -24.08
C ARG A 444 -1.94 6.04 -24.90
N ALA A 445 -2.29 5.63 -26.13
CA ALA A 445 -3.00 6.54 -27.02
C ALA A 445 -4.42 6.80 -26.55
N ALA A 446 -5.13 5.77 -26.11
CA ALA A 446 -6.51 5.94 -25.67
C ALA A 446 -6.61 6.38 -24.22
N LYS A 447 -5.48 6.51 -23.52
CA LYS A 447 -5.43 6.98 -22.14
C LYS A 447 -6.21 6.06 -21.20
N VAL A 448 -5.91 4.76 -21.28
CA VAL A 448 -6.61 3.77 -20.45
C VAL A 448 -5.95 3.72 -19.09
N GLY A 449 -6.77 3.73 -18.05
CA GLY A 449 -6.29 3.53 -16.70
C GLY A 449 -6.24 4.83 -15.91
N SER A 450 -5.57 4.75 -14.75
CA SER A 450 -5.45 5.89 -13.86
C SER A 450 -4.76 7.06 -14.53
N ASP A 451 -3.43 6.94 -14.66
CA ASP A 451 -2.57 8.02 -15.12
C ASP A 451 -2.92 8.45 -16.54
N LYS A 452 -3.62 9.58 -16.67
CA LYS A 452 -3.97 10.12 -17.98
C LYS A 452 -2.88 11.00 -18.58
N ASP A 453 -1.72 11.10 -17.93
CA ASP A 453 -0.61 11.90 -18.41
C ASP A 453 0.45 11.07 -19.13
N ASN A 454 0.95 10.01 -18.48
CA ASN A 454 1.75 8.98 -19.13
C ASN A 454 1.08 7.64 -18.83
N PRO A 455 -0.01 7.34 -19.55
CA PRO A 455 -0.71 6.07 -19.30
C PRO A 455 0.17 4.89 -19.71
N ASP A 456 0.13 3.85 -18.88
CA ASP A 456 0.84 2.60 -19.18
C ASP A 456 0.06 1.48 -18.50
N ILE A 457 0.45 0.26 -18.83
CA ILE A 457 -0.12 -0.91 -18.15
C ILE A 457 0.33 -0.89 -16.69
N PRO A 458 -0.57 -1.05 -15.71
CA PRO A 458 -0.13 -1.01 -14.31
C PRO A 458 0.66 -2.24 -13.91
N HIS A 459 1.33 -2.13 -12.75
CA HIS A 459 1.93 -3.25 -12.03
C HIS A 459 0.99 -3.67 -10.90
N VAL A 460 1.31 -4.82 -10.29
CA VAL A 460 0.57 -5.30 -9.12
C VAL A 460 1.27 -4.80 -7.85
N SER A 461 0.49 -4.31 -6.89
CA SER A 461 1.06 -3.78 -5.65
C SER A 461 0.38 -4.44 -4.45
N ALA A 462 0.98 -4.22 -3.27
CA ALA A 462 0.54 -4.93 -2.07
C ALA A 462 -0.94 -4.77 -1.72
N PRO A 463 -1.55 -3.58 -1.80
CA PRO A 463 -2.97 -3.47 -1.41
C PRO A 463 -3.87 -4.44 -2.15
N THR A 464 -3.59 -4.71 -3.43
CA THR A 464 -4.39 -5.66 -4.18
C THR A 464 -4.33 -7.05 -3.57
N ILE A 465 -3.13 -7.48 -3.15
CA ILE A 465 -2.97 -8.83 -2.62
C ILE A 465 -3.60 -8.93 -1.24
N ILE A 466 -3.35 -7.93 -0.38
CA ILE A 466 -3.93 -7.97 0.97
C ILE A 466 -5.45 -7.95 0.89
N ASN A 467 -6.00 -7.28 -0.12
CA ASN A 467 -7.45 -7.17 -0.28
C ASN A 467 -8.12 -8.51 -0.58
N TYR A 468 -7.39 -9.49 -1.12
CA TYR A 468 -7.96 -10.82 -1.25
C TYR A 468 -8.32 -11.39 0.11
N VAL A 469 -7.41 -11.25 1.07
CA VAL A 469 -7.68 -11.74 2.43
C VAL A 469 -8.87 -11.00 3.03
N THR A 470 -8.88 -9.66 2.90
CA THR A 470 -10.00 -8.85 3.38
C THR A 470 -11.33 -9.37 2.84
N ASN A 471 -11.41 -9.62 1.54
CA ASN A 471 -12.65 -10.10 0.93
C ASN A 471 -13.01 -11.50 1.42
N LEU A 472 -12.01 -12.38 1.52
CA LEU A 472 -12.28 -13.74 1.97
C LEU A 472 -12.77 -13.76 3.41
N GLN A 473 -12.27 -12.86 4.24
CA GLN A 473 -12.79 -12.73 5.59
C GLN A 473 -14.20 -12.17 5.57
N LEU A 474 -14.47 -11.19 4.71
CA LEU A 474 -15.83 -10.66 4.57
C LEU A 474 -16.81 -11.77 4.23
N LEU A 475 -16.38 -12.76 3.45
CA LEU A 475 -17.23 -13.87 3.02
C LEU A 475 -17.31 -14.97 4.06
N GLY A 476 -16.57 -14.87 5.17
CA GLY A 476 -16.59 -15.91 6.17
C GLY A 476 -15.81 -17.14 5.83
N LEU A 477 -14.99 -17.09 4.78
CA LEU A 477 -14.15 -18.22 4.39
C LEU A 477 -12.79 -18.20 5.08
N LEU A 478 -12.41 -17.07 5.64
CA LEU A 478 -11.25 -16.95 6.50
C LEU A 478 -11.69 -16.24 7.77
N THR B 42 13.95 -10.53 7.66
CA THR B 42 14.19 -9.55 8.72
C THR B 42 14.86 -8.30 8.14
N GLU B 43 15.40 -8.42 6.94
CA GLU B 43 16.09 -7.32 6.29
C GLU B 43 15.15 -6.62 5.32
N VAL B 44 15.24 -5.29 5.27
CA VAL B 44 14.38 -4.49 4.41
C VAL B 44 15.25 -3.60 3.52
N HIS B 45 14.87 -3.52 2.25
CA HIS B 45 15.51 -2.63 1.30
C HIS B 45 14.68 -1.35 1.14
N ALA B 46 15.38 -0.24 0.92
CA ALA B 46 14.68 1.01 0.62
C ALA B 46 13.78 0.85 -0.60
N SER B 47 14.24 0.08 -1.59
CA SER B 47 13.45 -0.16 -2.81
C SER B 47 12.13 -0.86 -2.51
N ASP B 48 12.01 -1.56 -1.38
CA ASP B 48 10.73 -2.16 -1.03
C ASP B 48 9.74 -1.15 -0.50
N LEU B 49 10.22 0.03 -0.08
CA LEU B 49 9.36 1.04 0.52
C LEU B 49 8.91 2.00 -0.57
N THR B 50 7.97 1.53 -1.38
CA THR B 50 7.38 2.37 -2.40
C THR B 50 6.02 2.84 -1.93
N LEU B 51 5.60 4.02 -2.44
CA LEU B 51 4.33 4.56 -2.01
C LEU B 51 3.16 3.68 -2.45
N ASP B 52 3.28 2.98 -3.58
CA ASP B 52 2.18 2.14 -4.00
C ASP B 52 2.02 0.89 -3.13
N ARG B 53 2.96 0.63 -2.23
CA ARG B 53 2.70 -0.40 -1.23
C ARG B 53 1.55 -0.02 -0.30
N PHE B 54 1.20 1.27 -0.21
CA PHE B 54 0.23 1.76 0.75
C PHE B 54 -0.84 2.63 0.13
N ILE B 55 -0.50 3.37 -0.92
CA ILE B 55 -1.36 4.42 -1.47
C ILE B 55 -1.88 4.01 -2.84
N ASP B 56 -3.16 4.28 -3.09
CA ASP B 56 -3.81 3.87 -4.33
C ASP B 56 -3.23 4.60 -5.54
N ALA B 57 -3.32 3.95 -6.71
CA ALA B 57 -2.69 4.48 -7.92
C ALA B 57 -3.29 5.80 -8.36
N ASP B 58 -4.59 6.00 -8.13
CA ASP B 58 -5.24 7.24 -8.54
C ASP B 58 -4.64 8.44 -7.79
N THR B 59 -4.53 8.32 -6.47
CA THR B 59 -3.96 9.40 -5.67
C THR B 59 -2.54 9.73 -6.13
N LEU B 60 -1.73 8.70 -6.35
CA LEU B 60 -0.34 8.92 -6.74
C LEU B 60 -0.24 9.62 -8.10
N ALA B 61 -1.10 9.24 -9.05
CA ALA B 61 -1.06 9.85 -10.38
C ALA B 61 -1.46 11.31 -10.33
N THR B 62 -2.53 11.62 -9.60
CA THR B 62 -3.00 13.00 -9.48
C THR B 62 -1.99 13.89 -8.78
N ALA B 63 -1.24 13.36 -7.81
CA ALA B 63 -0.31 14.16 -7.04
C ALA B 63 0.75 14.82 -7.93
N VAL B 64 1.17 14.14 -9.00
CA VAL B 64 2.23 14.67 -9.85
C VAL B 64 1.89 16.06 -10.35
N ASN B 65 0.62 16.32 -10.62
CA ASN B 65 0.18 17.57 -11.22
C ASN B 65 -0.54 18.50 -10.25
N LEU B 66 -0.39 18.27 -8.95
CA LEU B 66 -0.86 19.28 -8.01
C LEU B 66 0.15 20.42 -7.93
N PRO B 67 -0.31 21.64 -7.65
CA PRO B 67 0.62 22.78 -7.59
C PRO B 67 1.27 22.89 -6.22
N GLY B 68 2.40 23.57 -6.19
CA GLY B 68 3.13 23.77 -4.96
C GLY B 68 2.25 24.32 -3.86
N PRO B 69 2.54 23.97 -2.61
CA PRO B 69 1.68 24.40 -1.51
C PRO B 69 1.78 25.90 -1.30
N SER B 70 0.79 26.42 -0.67
CA SER B 70 0.87 27.83 -0.36
C SER B 70 1.68 28.04 0.92
N PRO B 71 2.40 29.16 1.02
CA PRO B 71 3.31 29.34 2.16
C PRO B 71 2.65 29.86 3.43
N GLU B 72 1.36 30.18 3.40
CA GLU B 72 0.67 30.59 4.62
C GLU B 72 0.22 29.32 5.35
N LEU B 73 0.64 29.20 6.58
CA LEU B 73 0.37 27.99 7.35
C LEU B 73 -0.62 28.39 8.43
N ARG B 74 -1.91 28.13 8.18
CA ARG B 74 -2.91 28.43 9.17
C ARG B 74 -3.57 27.21 9.78
N THR B 75 -3.52 26.06 9.12
CA THR B 75 -4.05 24.81 9.68
C THR B 75 -2.93 23.77 9.71
N VAL B 76 -2.64 23.25 10.89
CA VAL B 76 -1.55 22.32 11.11
C VAL B 76 -2.12 21.01 11.65
N LEU B 77 -1.66 19.89 11.09
CA LEU B 77 -2.01 18.56 11.59
C LEU B 77 -0.77 18.00 12.30
N LEU B 78 -0.94 17.62 13.56
CA LEU B 78 0.17 17.15 14.38
C LEU B 78 -0.16 15.77 14.91
N THR B 79 0.75 14.81 14.70
CA THR B 79 0.66 13.52 15.37
C THR B 79 1.69 13.45 16.48
N GLY B 80 1.41 12.62 17.49
CA GLY B 80 2.32 12.48 18.60
C GLY B 80 2.24 13.58 19.64
N ALA B 81 1.13 14.32 19.69
CA ALA B 81 1.01 15.45 20.62
C ALA B 81 1.08 15.02 22.08
N THR B 82 0.66 13.79 22.43
CA THR B 82 0.79 13.36 23.82
C THR B 82 2.21 12.92 24.17
N GLY B 83 3.08 12.73 23.19
CA GLY B 83 4.48 12.43 23.46
C GLY B 83 5.21 13.63 24.04
N PHE B 84 6.43 13.39 24.51
CA PHE B 84 7.21 14.41 25.22
C PHE B 84 7.54 15.59 24.31
N LEU B 85 8.22 15.32 23.19
CA LEU B 85 8.49 16.39 22.24
C LEU B 85 7.19 16.96 21.69
N GLY B 86 6.24 16.08 21.38
CA GLY B 86 4.96 16.52 20.85
C GLY B 86 4.29 17.60 21.69
N ARG B 87 4.33 17.47 23.01
CA ARG B 87 3.58 18.44 23.82
C ARG B 87 4.24 19.81 23.77
N TYR B 88 5.57 19.84 23.68
CA TYR B 88 6.24 21.12 23.45
C TYR B 88 5.98 21.65 22.04
N LEU B 89 5.84 20.77 21.06
CA LEU B 89 5.46 21.21 19.72
C LEU B 89 4.05 21.78 19.73
N VAL B 90 3.14 21.21 20.53
CA VAL B 90 1.82 21.82 20.67
C VAL B 90 1.96 23.27 21.08
N LEU B 91 2.76 23.54 22.12
CA LEU B 91 2.93 24.91 22.62
C LEU B 91 3.58 25.78 21.56
N GLU B 92 4.64 25.29 20.93
CA GLU B 92 5.35 26.12 19.97
C GLU B 92 4.50 26.39 18.73
N LEU B 93 3.79 25.38 18.21
CA LEU B 93 2.98 25.61 17.03
C LEU B 93 1.81 26.56 17.32
N LEU B 94 1.22 26.45 18.50
CA LEU B 94 0.15 27.39 18.85
C LEU B 94 0.67 28.80 19.03
N ARG B 95 1.88 28.97 19.59
CA ARG B 95 2.43 30.31 19.70
C ARG B 95 2.69 30.92 18.32
N ARG B 96 3.06 30.10 17.35
CA ARG B 96 3.38 30.60 16.01
C ARG B 96 2.14 30.85 15.16
N LEU B 97 1.07 30.10 15.40
CA LEU B 97 -0.18 30.31 14.68
C LEU B 97 -0.84 31.63 15.09
N ASP B 98 -1.57 32.23 14.15
CA ASP B 98 -2.25 33.48 14.49
C ASP B 98 -3.59 33.18 15.12
N VAL B 99 -4.33 34.24 15.47
CA VAL B 99 -5.59 34.04 16.20
C VAL B 99 -6.60 33.24 15.39
N ASP B 100 -6.46 33.22 14.07
CA ASP B 100 -7.34 32.46 13.20
C ASP B 100 -6.78 31.08 12.88
N GLY B 101 -5.61 30.73 13.39
CA GLY B 101 -5.02 29.44 13.11
C GLY B 101 -5.69 28.30 13.85
N ARG B 102 -5.41 27.10 13.37
CA ARG B 102 -5.97 25.89 13.96
C ARG B 102 -4.91 24.80 14.01
N LEU B 103 -4.77 24.17 15.17
CA LEU B 103 -3.92 23.00 15.35
C LEU B 103 -4.82 21.80 15.58
N ILE B 104 -4.71 20.79 14.72
CA ILE B 104 -5.50 19.56 14.81
C ILE B 104 -4.56 18.46 15.25
N CYS B 105 -4.86 17.80 16.36
CA CYS B 105 -3.99 16.76 16.92
C CYS B 105 -4.73 15.43 16.89
N LEU B 106 -4.09 14.43 16.29
CA LEU B 106 -4.61 13.07 16.25
C LEU B 106 -4.09 12.31 17.46
N VAL B 107 -5.01 11.77 18.27
CA VAL B 107 -4.67 11.10 19.53
C VAL B 107 -5.45 9.78 19.62
N ARG B 108 -4.78 8.69 19.96
CA ARG B 108 -5.46 7.42 20.13
C ARG B 108 -6.40 7.48 21.34
N ALA B 109 -7.68 7.20 21.13
CA ALA B 109 -8.66 7.49 22.19
C ALA B 109 -10.01 6.86 21.82
N GLU B 110 -10.91 6.84 22.82
CA GLU B 110 -12.23 6.26 22.64
C GLU B 110 -13.19 7.17 21.90
N SER B 111 -12.89 8.47 21.88
CA SER B 111 -13.77 9.49 21.30
C SER B 111 -12.95 10.76 21.18
N ASP B 112 -13.50 11.75 20.47
CA ASP B 112 -12.80 13.02 20.38
C ASP B 112 -12.64 13.69 21.75
N GLU B 113 -13.64 13.57 22.63
CA GLU B 113 -13.49 14.21 23.92
C GLU B 113 -12.53 13.42 24.82
N ASP B 114 -12.55 12.09 24.73
CA ASP B 114 -11.53 11.30 25.42
C ASP B 114 -10.12 11.70 24.92
N ALA B 115 -9.99 11.93 23.62
CA ALA B 115 -8.71 12.36 23.07
C ALA B 115 -8.29 13.71 23.61
N ARG B 116 -9.22 14.66 23.65
CA ARG B 116 -8.91 16.00 24.16
C ARG B 116 -8.54 15.94 25.63
N ARG B 117 -9.27 15.12 26.40
CA ARG B 117 -8.92 14.97 27.81
C ARG B 117 -7.56 14.34 28.00
N ARG B 118 -7.23 13.32 27.21
CA ARG B 118 -5.92 12.69 27.31
C ARG B 118 -4.81 13.71 27.06
N LEU B 119 -4.99 14.53 26.02
CA LEU B 119 -3.94 15.50 25.67
C LEU B 119 -3.83 16.58 26.73
N GLU B 120 -4.97 17.10 27.19
CA GLU B 120 -4.91 18.14 28.22
C GLU B 120 -4.26 17.60 29.49
N LYS B 121 -4.54 16.33 29.82
CA LYS B 121 -3.98 15.72 31.02
C LYS B 121 -2.45 15.72 31.00
N THR B 122 -1.84 15.56 29.81
CA THR B 122 -0.39 15.54 29.76
C THR B 122 0.24 16.89 30.13
N PHE B 123 -0.53 17.99 30.07
CA PHE B 123 -0.01 19.29 30.52
C PHE B 123 -0.28 19.56 31.99
N ASP B 124 -0.88 18.61 32.70
CA ASP B 124 -1.22 18.79 34.10
C ASP B 124 -0.20 18.05 34.96
N SER B 125 1.01 18.62 35.03
CA SER B 125 2.12 17.91 35.64
C SER B 125 2.63 18.57 36.92
N GLY B 126 1.80 19.39 37.57
CA GLY B 126 2.19 20.08 38.79
C GLY B 126 2.67 21.50 38.59
N ASP B 127 2.61 22.03 37.37
CA ASP B 127 3.05 23.40 37.10
C ASP B 127 1.86 24.25 36.71
N PRO B 128 1.35 25.11 37.60
CA PRO B 128 0.16 25.89 37.26
C PRO B 128 0.35 26.80 36.06
N GLU B 129 1.56 27.32 35.85
CA GLU B 129 1.80 28.22 34.73
C GLU B 129 1.79 27.47 33.41
N LEU B 130 2.29 26.23 33.39
CA LEU B 130 2.19 25.43 32.17
C LEU B 130 0.75 25.21 31.78
N LEU B 131 -0.09 24.80 32.75
CA LEU B 131 -1.48 24.52 32.44
C LEU B 131 -2.18 25.79 31.99
N ARG B 132 -1.88 26.91 32.64
CA ARG B 132 -2.49 28.19 32.25
C ARG B 132 -2.07 28.60 30.84
N HIS B 133 -0.78 28.44 30.52
CA HIS B 133 -0.27 28.80 29.19
C HIS B 133 -0.90 27.90 28.13
N PHE B 134 -0.95 26.60 28.40
CA PHE B 134 -1.58 25.66 27.47
C PHE B 134 -3.02 26.06 27.21
N LYS B 135 -3.78 26.32 28.28
CA LYS B 135 -5.22 26.57 28.10
C LYS B 135 -5.46 27.83 27.27
N GLU B 136 -4.67 28.87 27.51
CA GLU B 136 -4.84 30.11 26.78
C GLU B 136 -4.42 29.97 25.33
N LEU B 137 -3.33 29.24 25.07
CA LEU B 137 -2.91 28.99 23.70
C LEU B 137 -3.91 28.12 22.95
N ALA B 138 -4.52 27.15 23.64
CA ALA B 138 -5.38 26.19 22.96
C ALA B 138 -6.76 26.74 22.64
N ALA B 139 -7.20 27.76 23.36
CA ALA B 139 -8.61 28.14 23.36
C ALA B 139 -9.06 28.51 21.97
N ASP B 140 -10.08 27.80 21.47
CA ASP B 140 -10.72 28.03 20.18
C ASP B 140 -9.80 27.76 19.00
N ARG B 141 -8.60 27.20 19.24
CA ARG B 141 -7.66 26.91 18.17
C ARG B 141 -7.14 25.47 18.15
N LEU B 142 -7.17 24.76 19.27
CA LEU B 142 -6.77 23.36 19.33
C LEU B 142 -7.97 22.45 19.10
N GLU B 143 -7.88 21.57 18.12
CA GLU B 143 -8.90 20.57 17.83
C GLU B 143 -8.27 19.20 17.98
N VAL B 144 -8.81 18.39 18.90
CA VAL B 144 -8.22 17.08 19.19
C VAL B 144 -9.20 16.03 18.72
N VAL B 145 -8.72 15.08 17.92
CA VAL B 145 -9.58 14.09 17.30
C VAL B 145 -9.03 12.69 17.56
N ALA B 146 -9.93 11.74 17.79
CA ALA B 146 -9.50 10.38 18.12
C ALA B 146 -9.17 9.66 16.83
N GLY B 147 -8.05 8.96 16.82
CA GLY B 147 -7.73 8.15 15.66
C GLY B 147 -6.41 7.44 15.88
N ASP B 148 -6.11 6.54 14.94
CA ASP B 148 -4.87 5.78 14.98
C ASP B 148 -4.13 6.02 13.67
N LYS B 149 -2.94 6.62 13.79
CA LYS B 149 -2.13 6.97 12.63
C LYS B 149 -1.87 5.76 11.73
N SER B 150 -1.70 4.58 12.34
CA SER B 150 -1.39 3.38 11.57
C SER B 150 -2.58 2.82 10.82
N GLU B 151 -3.82 3.28 11.14
CA GLU B 151 -5.04 2.73 10.55
C GLU B 151 -5.36 3.48 9.26
N PRO B 152 -6.10 2.82 8.35
CA PRO B 152 -6.54 3.49 7.12
C PRO B 152 -7.32 4.76 7.43
N ASP B 153 -7.03 5.83 6.68
CA ASP B 153 -7.65 7.12 6.91
C ASP B 153 -7.36 7.66 8.31
N LEU B 154 -6.27 7.20 8.93
CA LEU B 154 -5.92 7.56 10.31
C LEU B 154 -7.01 7.13 11.29
N GLY B 155 -7.82 6.15 10.91
CA GLY B 155 -8.92 5.75 11.76
C GLY B 155 -10.03 6.78 11.85
N LEU B 156 -10.03 7.77 10.98
CA LEU B 156 -11.07 8.80 10.95
C LEU B 156 -12.17 8.43 9.97
N ASP B 157 -13.34 9.02 10.20
CA ASP B 157 -14.43 8.99 9.24
C ASP B 157 -14.05 9.80 8.00
N GLN B 158 -14.69 9.47 6.87
CA GLN B 158 -14.43 10.21 5.63
C GLN B 158 -14.66 11.71 5.76
N PRO B 159 -15.76 12.20 6.35
CA PRO B 159 -15.95 13.66 6.39
C PRO B 159 -14.80 14.39 7.07
N MET B 160 -14.30 13.87 8.19
CA MET B 160 -13.14 14.48 8.84
C MET B 160 -11.88 14.31 7.99
N TRP B 161 -11.65 13.11 7.46
CA TRP B 161 -10.45 12.90 6.64
C TRP B 161 -10.45 13.84 5.44
N ARG B 162 -11.59 13.95 4.75
CA ARG B 162 -11.67 14.86 3.62
C ARG B 162 -11.43 16.30 4.05
N ARG B 163 -11.94 16.69 5.21
CA ARG B 163 -11.67 18.04 5.69
C ARG B 163 -10.18 18.26 5.88
N LEU B 164 -9.48 17.26 6.45
CA LEU B 164 -8.03 17.37 6.59
C LEU B 164 -7.35 17.52 5.22
N ALA B 165 -7.74 16.69 4.26
CA ALA B 165 -7.12 16.77 2.93
C ALA B 165 -7.34 18.14 2.29
N GLU B 166 -8.47 18.78 2.58
CA GLU B 166 -8.82 20.04 1.92
C GLU B 166 -8.19 21.25 2.59
N THR B 167 -7.93 21.20 3.91
CA THR B 167 -7.63 22.41 4.67
C THR B 167 -6.25 22.44 5.33
N VAL B 168 -5.58 21.30 5.53
CA VAL B 168 -4.32 21.32 6.27
C VAL B 168 -3.22 21.93 5.41
N ASP B 169 -2.42 22.83 6.01
CA ASP B 169 -1.32 23.53 5.35
C ASP B 169 0.05 22.98 5.74
N LEU B 170 0.12 22.17 6.80
CA LEU B 170 1.40 21.65 7.30
C LEU B 170 1.13 20.42 8.14
N ILE B 171 1.89 19.36 7.88
CA ILE B 171 1.82 18.14 8.67
C ILE B 171 3.08 18.03 9.51
N VAL B 172 2.93 17.75 10.79
CA VAL B 172 4.05 17.57 11.70
C VAL B 172 3.89 16.20 12.34
N ASP B 173 4.86 15.32 12.09
CA ASP B 173 4.83 13.93 12.52
C ASP B 173 5.85 13.75 13.63
N SER B 174 5.39 13.61 14.87
CA SER B 174 6.31 13.35 15.97
C SER B 174 5.95 12.03 16.65
N ALA B 175 6.82 11.58 17.56
CA ALA B 175 6.73 10.23 18.13
C ALA B 175 5.79 10.19 19.33
N ALA B 176 4.69 9.44 19.23
CA ALA B 176 3.74 9.39 20.33
C ALA B 176 4.32 8.62 21.51
N MET B 177 3.63 8.73 22.65
CA MET B 177 4.05 8.09 23.89
C MET B 177 3.77 6.59 23.85
N VAL B 178 4.82 5.78 23.96
CA VAL B 178 4.70 4.33 24.16
C VAL B 178 5.39 3.99 25.47
N ASN B 179 4.63 3.86 26.55
CA ASN B 179 5.23 3.68 27.87
C ASN B 179 5.71 2.25 28.12
N ALA B 180 5.24 1.27 27.36
CA ALA B 180 5.66 -0.11 27.52
C ALA B 180 6.85 -0.40 26.61
N PHE B 181 7.76 -1.26 27.11
CA PHE B 181 8.86 -1.78 26.31
C PHE B 181 8.34 -2.34 24.97
N PRO B 182 9.01 -1.99 23.83
CA PRO B 182 10.26 -1.29 23.68
C PRO B 182 10.17 0.25 23.57
N TYR B 183 9.14 0.87 24.12
CA TYR B 183 9.03 2.33 24.22
C TYR B 183 8.95 3.04 22.87
N HIS B 184 8.59 2.32 21.80
CA HIS B 184 8.31 2.90 20.50
C HIS B 184 7.43 1.92 19.74
N GLU B 185 6.73 2.44 18.74
CA GLU B 185 5.82 1.58 17.97
C GLU B 185 6.63 0.67 17.03
N LEU B 186 6.08 -0.52 16.79
CA LEU B 186 6.75 -1.51 15.97
C LEU B 186 6.76 -1.09 14.50
N PHE B 187 7.63 -1.76 13.73
CA PHE B 187 8.03 -1.28 12.41
C PHE B 187 6.83 -1.12 11.47
N GLY B 188 6.09 -2.20 11.26
CA GLY B 188 4.98 -2.21 10.33
C GLY B 188 3.99 -1.09 10.54
N PRO B 189 3.38 -1.02 11.73
CA PRO B 189 2.39 0.06 11.99
C PRO B 189 2.99 1.45 11.94
N ASN B 190 4.25 1.65 12.34
CA ASN B 190 4.88 2.96 12.23
C ASN B 190 5.02 3.37 10.76
N VAL B 191 5.46 2.43 9.90
CA VAL B 191 5.63 2.75 8.49
C VAL B 191 4.28 2.99 7.83
N ALA B 192 3.30 2.14 8.12
CA ALA B 192 1.95 2.40 7.61
C ALA B 192 1.43 3.75 8.05
N GLY B 193 1.74 4.14 9.29
CA GLY B 193 1.32 5.45 9.78
C GLY B 193 1.92 6.59 9.01
N THR B 194 3.22 6.54 8.75
CA THR B 194 3.84 7.57 7.93
C THR B 194 3.17 7.63 6.56
N ALA B 195 2.89 6.47 5.98
CA ALA B 195 2.28 6.45 4.65
C ALA B 195 0.88 7.06 4.67
N GLU B 196 0.13 6.83 5.76
CA GLU B 196 -1.20 7.43 5.86
C GLU B 196 -1.11 8.95 5.89
N LEU B 197 -0.11 9.49 6.62
CA LEU B 197 0.07 10.94 6.62
C LEU B 197 0.50 11.45 5.25
N ILE B 198 1.36 10.70 4.56
CA ILE B 198 1.74 11.08 3.20
C ILE B 198 0.52 11.09 2.30
N ARG B 199 -0.40 10.15 2.51
CA ARG B 199 -1.59 10.13 1.66
C ARG B 199 -2.35 11.44 1.79
N ILE B 200 -2.48 11.95 3.01
CA ILE B 200 -3.10 13.26 3.22
C ILE B 200 -2.28 14.36 2.54
N ALA B 201 -0.94 14.32 2.72
CA ALA B 201 -0.10 15.34 2.10
C ALA B 201 -0.21 15.36 0.59
N LEU B 202 -0.67 14.28 -0.03
CA LEU B 202 -0.74 14.16 -1.48
C LEU B 202 -2.14 14.27 -2.04
N THR B 203 -3.15 14.55 -1.21
CA THR B 203 -4.53 14.59 -1.65
C THR B 203 -5.04 16.02 -1.65
N THR B 204 -5.71 16.41 -2.75
CA THR B 204 -6.36 17.71 -2.95
C THR B 204 -5.37 18.86 -3.14
N LYS B 205 -4.43 19.01 -2.21
CA LYS B 205 -3.38 20.01 -2.34
C LYS B 205 -2.15 19.50 -1.61
N LEU B 206 -0.98 19.77 -2.18
CA LEU B 206 0.26 19.29 -1.57
C LEU B 206 0.52 20.01 -0.26
N LYS B 207 1.00 19.27 0.74
CA LYS B 207 1.15 19.81 2.09
C LYS B 207 2.60 19.59 2.54
N PRO B 208 3.32 20.65 2.91
CA PRO B 208 4.67 20.47 3.48
C PRO B 208 4.62 19.53 4.68
N PHE B 209 5.66 18.71 4.81
CA PHE B 209 5.66 17.58 5.74
C PHE B 209 6.91 17.69 6.59
N THR B 210 6.73 17.91 7.90
CA THR B 210 7.81 17.92 8.86
C THR B 210 7.86 16.56 9.54
N TYR B 211 9.02 15.94 9.58
CA TYR B 211 9.12 14.57 10.08
C TYR B 211 10.18 14.47 11.15
N VAL B 212 9.80 14.08 12.36
CA VAL B 212 10.79 13.93 13.43
C VAL B 212 11.47 12.58 13.29
N SER B 213 12.79 12.60 13.10
CA SER B 213 13.57 11.39 12.93
C SER B 213 14.59 11.28 14.07
N THR B 214 15.61 10.47 13.88
CA THR B 214 16.52 10.21 14.99
C THR B 214 17.94 10.02 14.48
N ALA B 215 18.89 10.40 15.34
CA ALA B 215 20.31 10.18 15.07
C ALA B 215 20.60 8.71 14.77
N ASP B 216 19.83 7.81 15.39
CA ASP B 216 20.02 6.36 15.22
C ASP B 216 19.86 5.90 13.78
N VAL B 217 19.25 6.71 12.91
CA VAL B 217 19.24 6.36 11.49
C VAL B 217 20.66 6.14 11.00
N GLY B 218 21.62 6.88 11.53
CA GLY B 218 23.00 6.74 11.11
C GLY B 218 23.77 5.60 11.72
N ALA B 219 23.11 4.72 12.46
CA ALA B 219 23.77 3.52 12.96
C ALA B 219 24.24 2.66 11.80
N ALA B 220 25.49 2.22 11.88
CA ALA B 220 26.12 1.39 10.84
C ALA B 220 26.23 2.13 9.51
N ILE B 221 26.51 3.44 9.58
CA ILE B 221 26.91 4.25 8.43
C ILE B 221 28.18 4.98 8.83
N GLU B 222 29.14 5.06 7.92
CA GLU B 222 30.35 5.83 8.18
C GLU B 222 29.97 7.26 8.54
N PRO B 223 30.35 7.73 9.74
CA PRO B 223 29.90 9.07 10.16
C PRO B 223 30.16 10.16 9.15
N SER B 224 31.16 10.00 8.28
CA SER B 224 31.44 11.01 7.27
C SER B 224 30.45 10.94 6.11
N ALA B 225 29.92 9.75 5.82
CA ALA B 225 28.87 9.63 4.81
C ALA B 225 27.49 10.01 5.34
N PHE B 226 27.34 10.10 6.67
CA PHE B 226 26.06 10.37 7.31
C PHE B 226 25.83 11.88 7.40
N THR B 227 25.61 12.47 6.23
CA THR B 227 25.50 13.92 6.10
C THR B 227 24.02 14.31 6.06
N GLU B 228 23.79 15.62 6.25
CA GLU B 228 22.44 16.16 6.13
C GLU B 228 22.00 16.26 4.68
N ASP B 229 22.93 16.34 3.72
CA ASP B 229 22.53 16.49 2.33
C ASP B 229 22.32 15.17 1.61
N ALA B 230 22.71 14.05 2.21
CA ALA B 230 22.64 12.77 1.52
C ALA B 230 21.20 12.32 1.33
N ASP B 231 20.98 11.57 0.24
CA ASP B 231 19.74 10.83 0.05
C ASP B 231 19.85 9.56 0.90
N ILE B 232 19.02 9.46 1.94
CA ILE B 232 19.06 8.32 2.86
C ILE B 232 19.00 7.00 2.11
N ARG B 233 18.30 6.96 0.97
CA ARG B 233 18.19 5.73 0.20
C ARG B 233 19.54 5.29 -0.36
N VAL B 234 20.44 6.24 -0.59
CA VAL B 234 21.75 5.95 -1.17
C VAL B 234 22.76 5.57 -0.10
N ILE B 235 22.78 6.30 1.02
CA ILE B 235 23.75 6.00 2.07
C ILE B 235 23.28 4.89 2.99
N SER B 236 21.98 4.56 3.01
CA SER B 236 21.46 3.50 3.88
C SER B 236 20.43 2.69 3.13
N PRO B 237 20.85 1.94 2.11
CA PRO B 237 19.88 1.28 1.23
C PRO B 237 19.27 0.01 1.80
N THR B 238 19.73 -0.46 2.95
CA THR B 238 19.26 -1.73 3.50
C THR B 238 19.43 -1.71 5.01
N ARG B 239 18.48 -2.30 5.73
CA ARG B 239 18.53 -2.37 7.18
C ARG B 239 17.90 -3.66 7.68
N THR B 240 18.17 -3.97 8.94
CA THR B 240 17.64 -5.14 9.62
C THR B 240 16.59 -4.70 10.63
N VAL B 241 15.43 -5.35 10.61
CA VAL B 241 14.33 -5.03 11.51
C VAL B 241 14.47 -5.93 12.74
N ASP B 242 14.98 -5.36 13.82
CA ASP B 242 15.16 -6.06 15.11
C ASP B 242 16.08 -7.27 14.96
N TRP B 245 15.93 -4.96 19.28
CA TRP B 245 15.75 -3.85 20.20
C TRP B 245 16.90 -2.85 20.06
N ALA B 246 16.63 -1.60 20.44
CA ALA B 246 17.58 -0.49 20.47
C ALA B 246 17.89 0.00 19.06
N GLY B 247 17.63 -0.82 18.06
CA GLY B 247 17.74 -0.40 16.68
C GLY B 247 16.37 -0.24 16.06
N GLY B 248 15.33 -0.71 16.76
CA GLY B 248 13.99 -0.66 16.20
C GLY B 248 13.51 0.76 15.95
N TYR B 249 13.84 1.68 16.85
CA TYR B 249 13.44 3.07 16.65
C TYR B 249 14.10 3.66 15.42
N GLY B 250 15.41 3.52 15.32
CA GLY B 250 16.13 4.06 14.18
C GLY B 250 15.72 3.42 12.88
N THR B 251 15.38 2.13 12.91
CA THR B 251 14.94 1.47 11.67
C THR B 251 13.57 1.97 11.24
N SER B 252 12.66 2.22 12.18
CA SER B 252 11.34 2.71 11.78
C SER B 252 11.43 4.13 11.24
N LYS B 253 12.31 4.96 11.81
CA LYS B 253 12.48 6.32 11.31
C LYS B 253 13.11 6.33 9.92
N TRP B 254 14.12 5.47 9.70
CA TRP B 254 14.73 5.32 8.38
C TRP B 254 13.66 5.03 7.34
N ALA B 255 12.74 4.12 7.65
CA ALA B 255 11.69 3.77 6.70
C ALA B 255 10.80 4.97 6.40
N GLY B 256 10.42 5.73 7.42
CA GLY B 256 9.67 6.96 7.18
C GLY B 256 10.41 7.94 6.29
N GLU B 257 11.71 8.10 6.54
CA GLU B 257 12.52 8.98 5.69
C GLU B 257 12.52 8.51 4.24
N VAL B 258 12.57 7.19 4.03
CA VAL B 258 12.59 6.65 2.66
C VAL B 258 11.27 6.95 1.95
N LEU B 259 10.15 6.69 2.62
CA LEU B 259 8.85 6.99 2.01
C LEU B 259 8.73 8.47 1.68
N LEU B 260 9.25 9.33 2.55
CA LEU B 260 9.21 10.76 2.26
C LEU B 260 10.08 11.11 1.06
N ARG B 261 11.23 10.43 0.93
CA ARG B 261 12.04 10.61 -0.27
C ARG B 261 11.28 10.20 -1.52
N GLU B 262 10.52 9.10 -1.44
CA GLU B 262 9.70 8.70 -2.58
C GLU B 262 8.63 9.74 -2.90
N ALA B 263 7.99 10.32 -1.88
CA ALA B 263 6.98 11.36 -2.13
C ALA B 263 7.60 12.58 -2.79
N ASN B 264 8.80 12.97 -2.35
CA ASN B 264 9.47 14.11 -2.96
C ASN B 264 9.87 13.82 -4.40
N ASP B 265 10.31 12.59 -4.70
CA ASP B 265 10.54 12.18 -6.09
C ASP B 265 9.28 12.36 -6.94
N LEU B 266 8.13 11.94 -6.40
CA LEU B 266 6.92 11.87 -7.21
C LEU B 266 6.40 13.25 -7.58
N CYS B 267 6.39 14.19 -6.62
CA CYS B 267 5.72 15.46 -6.86
C CYS B 267 6.42 16.65 -6.22
N ALA B 268 7.70 16.50 -5.85
CA ALA B 268 8.48 17.55 -5.20
C ALA B 268 7.80 18.04 -3.91
N LEU B 269 7.09 17.15 -3.24
CA LEU B 269 6.54 17.48 -1.93
C LEU B 269 7.61 18.09 -1.03
N PRO B 270 7.37 19.26 -0.43
CA PRO B 270 8.35 19.85 0.48
C PRO B 270 8.40 19.05 1.78
N VAL B 271 9.60 18.59 2.14
CA VAL B 271 9.82 17.73 3.30
C VAL B 271 10.94 18.33 4.12
N ALA B 272 10.78 18.31 5.44
CA ALA B 272 11.84 18.70 6.36
C ALA B 272 11.98 17.57 7.37
N VAL B 273 13.11 16.86 7.29
CA VAL B 273 13.45 15.76 8.22
C VAL B 273 14.34 16.33 9.31
N PHE B 274 14.01 16.03 10.56
CA PHE B 274 14.82 16.47 11.71
C PHE B 274 15.35 15.25 12.44
N ARG B 275 16.61 14.89 12.21
CA ARG B 275 17.21 13.77 12.96
C ARG B 275 17.67 14.29 14.31
N CYS B 276 16.95 13.93 15.37
CA CYS B 276 17.26 14.43 16.70
C CYS B 276 18.16 13.47 17.47
N GLY B 277 19.10 14.04 18.22
CA GLY B 277 19.75 13.26 19.25
C GLY B 277 18.85 13.08 20.45
N MET B 278 19.44 12.86 21.62
CA MET B 278 18.64 12.71 22.83
C MET B 278 18.02 14.04 23.23
N ILE B 279 16.71 14.02 23.53
CA ILE B 279 15.97 15.21 23.87
C ILE B 279 15.80 15.24 25.39
N LEU B 280 16.33 16.28 26.03
CA LEU B 280 16.37 16.37 27.48
C LEU B 280 15.17 17.15 28.01
N ALA B 281 14.67 16.73 29.16
CA ALA B 281 13.79 17.59 29.93
C ALA B 281 14.51 18.89 30.23
N ASP B 282 13.76 19.99 30.33
CA ASP B 282 14.42 21.22 30.69
C ASP B 282 13.63 21.92 31.78
N THR B 283 14.17 23.05 32.22
CA THR B 283 13.68 23.74 33.40
C THR B 283 12.55 24.73 33.13
N SER B 284 11.99 24.76 31.90
CA SER B 284 10.92 25.71 31.63
C SER B 284 9.72 25.45 32.54
N TYR B 285 9.26 24.21 32.59
CA TYR B 285 8.08 23.84 33.35
C TYR B 285 8.45 22.68 34.25
N ALA B 286 7.76 22.59 35.38
CA ALA B 286 7.99 21.50 36.31
C ALA B 286 7.18 20.27 35.91
N GLY B 287 7.74 19.09 36.18
CA GLY B 287 7.00 17.85 36.02
C GLY B 287 6.94 17.28 34.63
N GLN B 288 7.73 17.80 33.69
CA GLN B 288 7.68 17.35 32.31
C GLN B 288 8.89 16.48 32.02
N LEU B 289 8.66 15.16 31.93
CA LEU B 289 9.70 14.17 31.61
C LEU B 289 9.20 13.24 30.52
N ASN B 290 10.12 12.65 29.76
CA ASN B 290 9.79 11.46 28.97
C ASN B 290 10.16 10.24 29.82
N MET B 291 9.15 9.58 30.40
CA MET B 291 9.41 8.46 31.30
C MET B 291 10.01 7.27 30.60
N SER B 292 9.86 7.17 29.28
CA SER B 292 10.38 6.01 28.57
C SER B 292 11.84 6.15 28.16
N ASP B 293 12.41 7.35 28.14
CA ASP B 293 13.72 7.43 27.50
C ASP B 293 14.83 7.04 28.48
N TRP B 294 16.01 6.79 27.90
CA TRP B 294 17.09 6.16 28.64
C TRP B 294 17.62 7.09 29.74
N VAL B 295 17.67 8.39 29.46
CA VAL B 295 18.24 9.32 30.44
C VAL B 295 17.36 9.39 31.70
N THR B 296 16.04 9.50 31.52
CA THR B 296 15.16 9.53 32.68
C THR B 296 15.33 8.26 33.51
N ARG B 297 15.37 7.11 32.84
CA ARG B 297 15.51 5.83 33.54
C ARG B 297 16.87 5.72 34.22
N MET B 298 17.92 6.28 33.61
CA MET B 298 19.25 6.19 34.20
C MET B 298 19.36 7.07 35.45
N VAL B 299 18.81 8.30 35.40
CA VAL B 299 18.84 9.15 36.59
C VAL B 299 18.06 8.50 37.73
N LEU B 300 16.86 7.99 37.42
CA LEU B 300 16.13 7.23 38.44
C LEU B 300 16.97 6.08 38.98
N SER B 301 17.62 5.32 38.09
CA SER B 301 18.37 4.16 38.52
C SER B 301 19.55 4.55 39.41
N LEU B 302 20.27 5.62 39.03
CA LEU B 302 21.41 6.07 39.83
C LEU B 302 20.95 6.56 41.19
N MET B 303 19.82 7.27 41.25
CA MET B 303 19.32 7.74 42.53
C MET B 303 18.81 6.59 43.40
N ALA B 304 18.06 5.67 42.82
CA ALA B 304 17.44 4.62 43.63
C ALA B 304 18.47 3.58 44.10
N THR B 305 19.45 3.24 43.25
CA THR B 305 20.52 2.34 43.71
C THR B 305 21.55 3.07 44.53
N GLY B 306 21.70 4.37 44.32
CA GLY B 306 22.68 5.17 45.02
C GLY B 306 24.11 4.95 44.60
N ILE B 307 24.38 4.23 43.51
CA ILE B 307 25.76 3.91 43.15
C ILE B 307 26.03 4.20 41.68
N ALA B 308 27.13 4.92 41.42
CA ALA B 308 27.63 5.28 40.11
C ALA B 308 29.04 4.74 39.91
N PRO B 309 29.50 4.59 38.69
CA PRO B 309 30.89 4.17 38.46
C PRO B 309 31.84 5.34 38.53
N ARG B 310 33.13 5.03 38.67
CA ARG B 310 34.15 6.05 38.46
C ARG B 310 33.93 6.72 37.12
N SER B 311 33.65 5.93 36.08
CA SER B 311 33.36 6.46 34.75
C SER B 311 32.48 5.46 34.01
N PHE B 312 31.52 5.98 33.23
CA PHE B 312 30.78 5.14 32.31
C PHE B 312 31.58 4.76 31.10
N TYR B 313 32.72 5.42 30.87
CA TYR B 313 33.50 5.24 29.66
C TYR B 313 34.79 4.49 29.95
N GLU B 314 35.34 3.88 28.90
CA GLU B 314 36.69 3.35 28.98
C GLU B 314 37.63 4.44 29.49
N PRO B 315 38.62 4.10 30.29
CA PRO B 315 39.66 5.09 30.63
C PRO B 315 40.36 5.56 29.36
N ASP B 316 40.93 6.75 29.44
CA ASP B 316 41.66 7.23 28.27
C ASP B 316 43.00 6.51 28.17
N SER B 317 43.82 6.94 27.22
CA SER B 317 45.06 6.22 26.98
C SER B 317 46.04 6.36 28.14
N GLU B 318 45.80 7.26 29.08
CA GLU B 318 46.64 7.38 30.26
C GLU B 318 46.04 6.72 31.49
N GLY B 319 44.86 6.12 31.38
CA GLY B 319 44.17 5.56 32.52
C GLY B 319 43.31 6.54 33.28
N ASN B 320 43.16 7.76 32.77
CA ASN B 320 42.37 8.79 33.44
C ASN B 320 40.94 8.80 32.90
N ARG B 321 40.09 9.56 33.59
CA ARG B 321 38.71 9.67 33.14
C ARG B 321 38.67 10.33 31.77
N GLN B 322 38.06 9.66 30.81
CA GLN B 322 38.22 10.05 29.41
C GLN B 322 37.31 11.23 29.06
N ARG B 323 37.88 12.19 28.33
CA ARG B 323 37.06 13.30 27.84
C ARG B 323 35.91 12.76 27.00
N ALA B 324 34.69 13.12 27.37
CA ALA B 324 33.51 12.59 26.69
C ALA B 324 32.44 13.67 26.59
N HIS B 325 31.50 13.43 25.69
CA HIS B 325 30.42 14.37 25.40
C HIS B 325 29.15 13.59 25.16
N PHE B 326 28.08 14.01 25.83
CA PHE B 326 26.77 13.39 25.65
C PHE B 326 25.90 14.31 24.81
N ASP B 327 25.32 13.75 23.76
CA ASP B 327 24.49 14.51 22.80
C ASP B 327 23.07 14.60 23.36
N GLY B 328 22.83 15.62 24.15
CA GLY B 328 21.49 15.98 24.57
C GLY B 328 21.19 17.43 24.31
N LEU B 329 19.93 17.71 23.98
CA LEU B 329 19.46 19.06 23.74
C LEU B 329 18.16 19.28 24.52
N PRO B 330 17.95 20.48 25.07
CA PRO B 330 16.70 20.74 25.79
C PRO B 330 15.51 20.72 24.84
N VAL B 331 14.39 20.18 25.34
CA VAL B 331 13.22 19.97 24.48
C VAL B 331 12.66 21.27 23.95
N THR B 332 12.74 22.36 24.72
CA THR B 332 12.22 23.64 24.24
C THR B 332 12.98 24.08 22.99
N PHE B 333 14.29 23.90 22.98
CA PHE B 333 15.12 24.26 21.83
C PHE B 333 14.79 23.38 20.63
N VAL B 334 14.69 22.06 20.85
CA VAL B 334 14.38 21.12 19.77
C VAL B 334 13.02 21.46 19.15
N ALA B 335 12.00 21.68 20.00
CA ALA B 335 10.69 22.01 19.45
C ALA B 335 10.70 23.30 18.64
N GLU B 336 11.42 24.31 19.12
CA GLU B 336 11.48 25.57 18.40
C GLU B 336 12.22 25.40 17.07
N ALA B 337 13.33 24.67 17.07
CA ALA B 337 14.03 24.42 15.82
C ALA B 337 13.14 23.74 14.80
N ILE B 338 12.39 22.72 15.23
CA ILE B 338 11.52 22.00 14.31
C ILE B 338 10.44 22.91 13.76
N ALA B 339 9.85 23.74 14.62
CA ALA B 339 8.76 24.60 14.17
C ALA B 339 9.26 25.68 13.22
N VAL B 340 10.38 26.33 13.55
CA VAL B 340 10.90 27.41 12.71
C VAL B 340 11.41 26.87 11.39
N LEU B 341 12.25 25.84 11.44
CA LEU B 341 12.86 25.34 10.21
C LEU B 341 11.86 24.57 9.36
N GLY B 342 10.88 23.91 9.99
CA GLY B 342 9.85 23.23 9.23
C GLY B 342 8.90 24.16 8.51
N ALA B 343 8.87 25.43 8.93
CA ALA B 343 8.05 26.46 8.29
C ALA B 343 8.72 27.10 7.08
N ARG B 344 9.96 26.73 6.75
CA ARG B 344 10.57 27.21 5.53
C ARG B 344 9.88 26.61 4.33
N VAL B 345 8.86 27.30 3.82
CA VAL B 345 8.12 26.87 2.63
C VAL B 345 8.54 27.77 1.47
N ALA B 346 8.37 29.09 1.63
CA ALA B 346 8.84 30.03 0.62
C ALA B 346 10.34 29.85 0.38
N GLY B 347 11.10 29.65 1.45
CA GLY B 347 12.54 29.52 1.35
C GLY B 347 13.00 28.09 1.29
N SER B 348 12.11 27.16 0.96
CA SER B 348 12.53 25.80 0.66
C SER B 348 13.25 25.77 -0.69
N SER B 349 14.14 24.79 -0.86
CA SER B 349 14.84 24.64 -2.13
C SER B 349 13.87 24.25 -3.24
N LEU B 350 14.32 24.38 -4.48
CA LEU B 350 13.50 23.97 -5.61
C LEU B 350 13.17 22.48 -5.54
N ALA B 351 14.17 21.64 -5.27
CA ALA B 351 13.92 20.21 -5.11
C ALA B 351 13.03 19.94 -3.90
N GLY B 352 13.23 20.69 -2.82
CA GLY B 352 12.27 20.75 -1.73
C GLY B 352 12.47 19.76 -0.60
N PHE B 353 13.61 19.10 -0.52
CA PHE B 353 13.85 18.11 0.53
C PHE B 353 14.99 18.61 1.40
N ALA B 354 14.73 18.76 2.70
CA ALA B 354 15.76 19.21 3.61
C ALA B 354 15.84 18.24 4.79
N THR B 355 17.06 17.92 5.18
CA THR B 355 17.34 17.18 6.40
C THR B 355 18.24 18.03 7.28
N TYR B 356 17.96 18.02 8.59
CA TYR B 356 18.71 18.75 9.59
C TYR B 356 19.09 17.81 10.71
N HIS B 357 20.33 17.93 11.17
CA HIS B 357 20.81 17.10 12.28
C HIS B 357 20.68 17.92 13.55
N VAL B 358 19.56 17.72 14.26
CA VAL B 358 19.25 18.44 15.49
C VAL B 358 19.99 17.75 16.62
N MET B 359 21.27 18.07 16.77
CA MET B 359 22.16 17.36 17.68
C MET B 359 23.07 18.36 18.37
N ASN B 360 23.60 17.93 19.50
CA ASN B 360 24.52 18.69 20.32
C ASN B 360 25.93 18.27 19.91
N PRO B 361 26.63 19.05 19.12
CA PRO B 361 27.90 18.58 18.53
C PRO B 361 29.14 18.98 19.32
N HIS B 362 28.99 19.65 20.46
CA HIS B 362 30.11 20.32 21.10
C HIS B 362 31.16 19.34 21.63
N ASP B 363 32.43 19.72 21.48
CA ASP B 363 33.54 19.05 22.16
C ASP B 363 33.78 19.84 23.44
N ASP B 364 32.89 19.64 24.41
CA ASP B 364 32.88 20.43 25.63
C ASP B 364 33.26 19.64 26.87
N GLY B 365 33.57 18.35 26.72
CA GLY B 365 33.87 17.54 27.89
C GLY B 365 32.72 17.40 28.87
N ILE B 366 31.48 17.63 28.42
CA ILE B 366 30.32 17.47 29.28
C ILE B 366 29.65 16.17 28.86
N GLY B 367 29.87 15.11 29.63
CA GLY B 367 29.28 13.83 29.34
C GLY B 367 28.64 13.20 30.57
N LEU B 368 28.40 11.90 30.50
CA LEU B 368 27.63 11.24 31.55
C LEU B 368 28.33 11.33 32.90
N ASP B 369 29.68 11.30 32.91
CA ASP B 369 30.39 11.41 34.19
C ASP B 369 30.20 12.78 34.80
N GLU B 370 30.19 13.85 33.98
CA GLU B 370 29.89 15.17 34.52
C GLU B 370 28.47 15.24 35.07
N TYR B 371 27.52 14.57 34.42
CA TYR B 371 26.17 14.58 34.97
C TYR B 371 26.15 13.97 36.37
N VAL B 372 26.90 12.88 36.56
CA VAL B 372 27.01 12.30 37.90
C VAL B 372 27.71 13.26 38.85
N ASP B 373 28.80 13.89 38.39
CA ASP B 373 29.48 14.92 39.19
C ASP B 373 28.49 15.94 39.73
N TRP B 374 27.62 16.44 38.85
CA TRP B 374 26.66 17.48 39.23
C TRP B 374 25.67 16.97 40.26
N LEU B 375 25.24 15.71 40.15
CA LEU B 375 24.27 15.20 41.11
C LEU B 375 24.91 15.02 42.48
N ILE B 376 26.16 14.57 42.50
CA ILE B 376 26.88 14.42 43.76
C ILE B 376 27.15 15.79 44.39
N GLU B 377 27.57 16.76 43.56
CA GLU B 377 27.85 18.09 44.08
C GLU B 377 26.58 18.78 44.58
N ALA B 378 25.42 18.44 44.04
CA ALA B 378 24.18 19.03 44.55
C ALA B 378 23.78 18.44 45.90
N GLY B 379 24.42 17.38 46.35
CA GLY B 379 24.10 16.78 47.64
C GLY B 379 23.25 15.52 47.60
N TYR B 380 23.00 14.96 46.42
CA TYR B 380 22.12 13.80 46.37
C TYR B 380 22.84 12.52 46.81
N PRO B 381 22.07 11.55 47.34
CA PRO B 381 22.68 10.33 47.88
C PRO B 381 23.19 9.37 46.81
N ILE B 382 24.20 9.82 46.06
CA ILE B 382 24.87 8.97 45.08
C ILE B 382 26.35 8.93 45.44
N ARG B 383 26.90 7.72 45.52
CA ARG B 383 28.31 7.52 45.79
C ARG B 383 28.90 6.67 44.68
N ARG B 384 30.19 6.89 44.42
CA ARG B 384 30.88 6.17 43.36
C ARG B 384 31.52 4.91 43.93
N ILE B 385 31.31 3.80 43.23
CA ILE B 385 32.07 2.58 43.45
C ILE B 385 33.24 2.66 42.48
N ASP B 386 34.45 2.79 43.03
CA ASP B 386 35.60 3.16 42.21
C ASP B 386 35.99 2.03 41.27
N ASP B 387 35.91 0.80 41.75
CA ASP B 387 36.17 -0.38 40.94
C ASP B 387 35.03 -0.58 39.96
N PHE B 388 35.30 -0.42 38.66
CA PHE B 388 34.19 -0.51 37.70
C PHE B 388 33.53 -1.86 37.75
N ALA B 389 34.33 -2.94 37.79
CA ALA B 389 33.77 -4.29 37.78
C ALA B 389 32.79 -4.48 38.92
N GLU B 390 33.15 -3.99 40.11
CA GLU B 390 32.21 -3.98 41.23
C GLU B 390 30.97 -3.19 40.90
N TRP B 391 31.11 -2.03 40.22
CA TRP B 391 29.94 -1.20 39.97
C TRP B 391 28.91 -1.93 39.11
N LEU B 392 29.32 -2.48 37.97
CA LEU B 392 28.32 -3.00 37.04
C LEU B 392 27.55 -4.16 37.64
N GLN B 393 28.24 -5.05 38.37
CA GLN B 393 27.55 -6.17 38.98
C GLN B 393 26.63 -5.69 40.10
N ARG B 394 27.12 -4.79 40.96
CA ARG B 394 26.27 -4.31 42.06
C ARG B 394 25.12 -3.46 41.55
N PHE B 395 25.34 -2.67 40.50
CA PHE B 395 24.29 -1.80 39.96
C PHE B 395 23.13 -2.62 39.39
N GLU B 396 23.43 -3.64 38.58
CA GLU B 396 22.35 -4.42 37.99
C GLU B 396 21.58 -5.20 39.05
N ALA B 397 22.31 -5.73 40.04
CA ALA B 397 21.64 -6.40 41.15
C ALA B 397 20.81 -5.43 41.97
N SER B 398 21.34 -4.24 42.26
CA SER B 398 20.59 -3.29 43.08
C SER B 398 19.28 -2.92 42.41
N LEU B 399 19.28 -2.81 41.08
CA LEU B 399 18.04 -2.57 40.34
C LEU B 399 17.02 -3.67 40.60
N GLY B 400 17.47 -4.92 40.56
CA GLY B 400 16.57 -6.03 40.83
C GLY B 400 16.04 -6.05 42.25
N ALA B 401 16.71 -5.35 43.17
CA ALA B 401 16.24 -5.28 44.55
C ALA B 401 15.25 -4.15 44.79
N LEU B 402 14.99 -3.30 43.81
CA LEU B 402 14.07 -2.20 44.01
C LEU B 402 12.62 -2.70 44.05
N PRO B 403 11.72 -1.95 44.67
CA PRO B 403 10.30 -2.28 44.58
C PRO B 403 9.82 -2.25 43.14
N ASP B 404 8.77 -3.04 42.87
CA ASP B 404 8.18 -3.18 41.54
C ASP B 404 8.03 -1.85 40.79
N ARG B 405 7.42 -0.86 41.44
CA ARG B 405 7.15 0.42 40.81
C ARG B 405 8.42 1.11 40.32
N GLN B 406 9.47 1.08 41.13
CA GLN B 406 10.72 1.69 40.70
C GLN B 406 11.42 0.85 39.64
N ARG B 407 11.43 -0.48 39.84
CA ARG B 407 12.08 -1.37 38.88
C ARG B 407 11.59 -1.12 37.47
N ARG B 408 10.27 -0.95 37.31
CA ARG B 408 9.67 -0.77 35.99
C ARG B 408 10.05 0.56 35.36
N HIS B 409 10.46 1.55 36.16
CA HIS B 409 10.88 2.86 35.64
C HIS B 409 12.39 3.02 35.56
N SER B 410 13.16 1.97 35.80
CA SER B 410 14.60 2.01 35.79
C SER B 410 15.12 1.52 34.43
N VAL B 411 16.43 1.39 34.32
CA VAL B 411 17.01 0.80 33.11
C VAL B 411 16.99 -0.71 33.13
N LEU B 412 16.45 -1.33 34.18
CA LEU B 412 16.50 -2.78 34.27
C LEU B 412 15.85 -3.50 33.09
N PRO B 413 14.67 -3.10 32.61
CA PRO B 413 14.11 -3.78 31.43
C PRO B 413 15.02 -3.69 30.21
N MET B 414 15.67 -2.53 30.02
CA MET B 414 16.62 -2.41 28.93
C MET B 414 17.80 -3.37 29.12
N LEU B 415 18.28 -3.52 30.37
CA LEU B 415 19.44 -4.37 30.64
C LEU B 415 19.13 -5.84 30.35
N LEU B 416 17.93 -6.30 30.69
CA LEU B 416 17.59 -7.70 30.54
C LEU B 416 17.29 -8.07 29.08
N LEU B 423 27.64 -5.82 27.32
CA LEU B 423 27.52 -4.55 28.03
C LEU B 423 28.87 -4.12 28.62
N GLN B 424 29.43 -3.04 28.08
CA GLN B 424 30.79 -2.62 28.32
C GLN B 424 30.85 -1.12 28.61
N PRO B 425 31.91 -0.66 29.27
CA PRO B 425 32.15 0.80 29.33
C PRO B 425 32.09 1.39 27.93
N LEU B 426 31.53 2.59 27.85
CA LEU B 426 31.32 3.21 26.54
C LEU B 426 32.63 3.66 25.94
N LYS B 427 32.74 3.55 24.61
CA LYS B 427 33.85 4.17 23.87
C LYS B 427 33.32 5.50 23.37
N PRO B 428 33.91 6.64 23.81
CA PRO B 428 33.29 7.95 23.57
C PRO B 428 32.99 8.22 22.11
N THR B 429 31.79 8.73 21.85
CA THR B 429 31.43 9.19 20.51
C THR B 429 32.08 10.54 20.24
N ARG B 430 32.61 10.69 19.02
CA ARG B 430 33.37 11.85 18.52
C ARG B 430 34.84 11.79 18.95
N SER B 433 31.53 13.24 15.46
CA SER B 433 31.42 12.70 14.12
C SER B 433 30.23 13.28 13.38
N ALA B 434 28.99 12.77 13.60
CA ALA B 434 27.83 13.14 12.79
C ALA B 434 27.76 14.64 12.50
N PRO B 435 27.92 15.04 11.25
CA PRO B 435 27.98 16.47 10.94
C PRO B 435 26.66 17.18 11.22
N THR B 436 26.79 18.44 11.62
CA THR B 436 25.65 19.29 11.95
C THR B 436 25.70 20.62 11.19
N ASP B 437 26.42 20.66 10.07
CA ASP B 437 26.73 21.94 9.43
C ASP B 437 25.47 22.70 9.03
N ARG B 438 24.51 22.02 8.42
CA ARG B 438 23.31 22.71 7.94
C ARG B 438 22.46 23.17 9.10
N PHE B 439 22.22 22.28 10.08
CA PHE B 439 21.42 22.70 11.22
C PHE B 439 22.10 23.85 11.97
N ARG B 440 23.41 23.74 12.20
CA ARG B 440 24.07 24.77 12.99
C ARG B 440 24.08 26.10 12.27
N ALA B 441 24.30 26.09 10.94
CA ALA B 441 24.23 27.33 10.19
C ALA B 441 22.83 27.92 10.26
N ALA B 442 21.80 27.06 10.23
CA ALA B 442 20.43 27.58 10.27
C ALA B 442 20.06 28.10 11.65
N VAL B 443 20.63 27.53 12.71
CA VAL B 443 20.31 28.02 14.05
C VAL B 443 20.68 29.49 14.16
N ARG B 444 21.86 29.86 13.67
CA ARG B 444 22.21 31.27 13.65
C ARG B 444 21.27 32.07 12.76
N ALA B 445 21.08 31.63 11.51
CA ALA B 445 20.35 32.45 10.54
C ALA B 445 18.91 32.69 10.96
N ALA B 446 18.22 31.63 11.36
CA ALA B 446 16.82 31.71 11.76
C ALA B 446 16.64 32.13 13.20
N LYS B 447 17.74 32.39 13.92
CA LYS B 447 17.69 32.86 15.31
C LYS B 447 16.96 31.87 16.22
N VAL B 448 17.33 30.59 16.12
CA VAL B 448 16.67 29.55 16.91
C VAL B 448 17.25 29.55 18.33
N GLY B 449 16.37 29.62 19.31
CA GLY B 449 16.78 29.52 20.70
C GLY B 449 16.58 30.83 21.43
N SER B 450 16.56 30.72 22.77
CA SER B 450 16.33 31.89 23.61
C SER B 450 17.36 32.98 23.32
N ASP B 451 18.62 32.59 23.21
CA ASP B 451 19.67 33.50 22.79
C ASP B 451 19.34 34.08 21.41
N ASP B 453 21.00 37.90 18.27
CA ASP B 453 22.16 37.86 19.16
C ASP B 453 23.32 37.09 18.53
N ASN B 454 23.61 35.92 19.11
CA ASN B 454 24.75 35.06 18.83
C ASN B 454 24.27 33.62 18.89
N PRO B 455 23.19 33.26 18.19
CA PRO B 455 22.54 31.97 18.45
C PRO B 455 23.44 30.81 18.03
N ASP B 456 23.77 29.96 18.97
CA ASP B 456 24.45 28.70 18.70
C ASP B 456 23.64 27.59 19.37
N ILE B 457 23.97 26.36 19.01
CA ILE B 457 23.37 25.20 19.69
C ILE B 457 23.78 25.22 21.15
N PRO B 458 22.88 25.00 22.11
CA PRO B 458 23.24 25.13 23.53
C PRO B 458 24.03 23.92 24.02
N HIS B 459 24.65 24.11 25.19
CA HIS B 459 25.30 23.06 25.98
C HIS B 459 24.38 22.63 27.12
N VAL B 460 24.63 21.44 27.63
CA VAL B 460 23.94 20.94 28.82
C VAL B 460 24.61 21.51 30.07
N SER B 461 23.79 21.96 31.03
CA SER B 461 24.31 22.49 32.29
C SER B 461 23.65 21.79 33.48
N ALA B 462 24.23 22.01 34.65
CA ALA B 462 23.82 21.27 35.85
C ALA B 462 22.35 21.43 36.22
N PRO B 463 21.74 22.62 36.17
CA PRO B 463 20.29 22.69 36.46
C PRO B 463 19.43 21.73 35.66
N THR B 464 19.78 21.46 34.40
CA THR B 464 18.99 20.52 33.60
C THR B 464 19.06 19.13 34.20
N ILE B 465 20.22 18.74 34.70
CA ILE B 465 20.37 17.39 35.24
C ILE B 465 19.71 17.31 36.60
N ILE B 466 19.92 18.31 37.46
CA ILE B 466 19.27 18.27 38.78
C ILE B 466 17.76 18.24 38.63
N ASN B 467 17.25 18.90 37.59
CA ASN B 467 15.80 18.97 37.39
C ASN B 467 15.18 17.60 37.14
N TYR B 468 15.96 16.65 36.61
CA TYR B 468 15.45 15.28 36.49
C TYR B 468 15.12 14.71 37.87
N VAL B 469 15.98 14.95 38.85
CA VAL B 469 15.71 14.43 40.20
C VAL B 469 14.49 15.13 40.78
N THR B 470 14.42 16.46 40.65
CA THR B 470 13.27 17.21 41.13
C THR B 470 11.97 16.64 40.56
N ASN B 471 11.94 16.39 39.24
CA ASN B 471 10.75 15.86 38.59
C ASN B 471 10.43 14.45 39.07
N LEU B 472 11.43 13.59 39.20
CA LEU B 472 11.18 12.24 39.68
C LEU B 472 10.66 12.24 41.11
N GLN B 473 11.12 13.20 41.92
CA GLN B 473 10.59 13.32 43.28
C GLN B 473 9.14 13.81 43.26
N LEU B 474 8.82 14.80 42.42
CA LEU B 474 7.44 15.26 42.31
C LEU B 474 6.51 14.12 41.91
N LEU B 475 7.00 13.22 41.07
CA LEU B 475 6.22 12.09 40.57
C LEU B 475 6.10 10.96 41.57
N GLY B 476 6.75 11.06 42.73
CA GLY B 476 6.69 10.00 43.73
C GLY B 476 7.58 8.81 43.44
N LEU B 477 8.46 8.90 42.44
CA LEU B 477 9.34 7.79 42.11
C LEU B 477 10.67 7.86 42.82
N LEU B 478 10.98 9.00 43.44
CA LEU B 478 12.13 9.15 44.31
C LEU B 478 11.66 9.89 45.55
O1 XPE C . 6.22 -10.00 10.25
C2 XPE C . 7.44 -9.26 10.24
C3 XPE C . 7.61 -8.54 8.89
O4 XPE C . 8.65 -7.56 8.97
C5 XPE C . 9.33 -7.55 7.70
C6 XPE C . 9.85 -6.16 7.38
O7 XPE C . 10.22 -6.09 5.99
C8 XPE C . 9.12 -5.51 5.25
C9 XPE C . 9.57 -4.24 4.52
O10 XPE C . 8.46 -3.40 4.18
C11 XPE C . 7.53 -3.35 5.26
C12 XPE C . 6.74 -2.05 5.21
O13 XPE C . 5.51 -2.21 5.95
C14 XPE C . 4.78 -3.36 5.53
C15 XPE C . 3.34 -3.31 6.05
O16 XPE C . 2.52 -4.20 5.28
C17 XPE C . 2.33 -3.71 3.95
C18 XPE C . 1.15 -4.43 3.26
O19 XPE C . -0.04 -3.66 3.45
C20 XPE C . -0.56 -3.18 2.19
C21 XPE C . -1.71 -2.17 2.44
O22 XPE C . -2.92 -2.89 2.79
C23 XPE C . -3.73 -2.17 3.75
C24 XPE C . -4.84 -3.07 4.31
O25 XPE C . -4.36 -3.83 5.43
C26 XPE C . -5.39 -4.64 6.02
C27 XPE C . -5.11 -4.92 7.52
O28 XPE C . -4.07 -5.91 7.69
C29 XPE C . -4.46 -6.87 8.71
C30 XPE C . -3.23 -7.39 9.45
O31 XPE C . -3.51 -8.61 10.17
#